data_7LVG
#
_entry.id   7LVG
#
_entity_poly.entity_id   1
_entity_poly.type   'polypeptide(L)'
_entity_poly.pdbx_seq_one_letter_code
;GMPRDPEQRYEQCQQQCERQRRGQEQTLCRRRCEQRRQQEERERQ
;
_entity_poly.pdbx_strand_id   A
#
# COMPACT_ATOMS: atom_id res chain seq x y z
N GLY A 1 8.45 -16.39 0.83
CA GLY A 1 7.18 -15.79 1.33
C GLY A 1 6.02 -16.22 0.42
N MET A 2 5.79 -15.45 -0.64
CA MET A 2 4.71 -15.73 -1.58
C MET A 2 5.12 -15.37 -3.04
N PRO A 3 4.48 -15.96 -4.07
CA PRO A 3 4.81 -15.66 -5.50
C PRO A 3 4.41 -14.24 -5.89
N ARG A 4 4.84 -13.81 -7.10
CA ARG A 4 4.58 -12.44 -7.63
C ARG A 4 5.61 -11.46 -7.04
N ASP A 5 6.22 -10.66 -7.92
CA ASP A 5 7.26 -9.72 -7.50
C ASP A 5 6.67 -8.57 -6.64
N PRO A 6 7.47 -7.97 -5.73
CA PRO A 6 7.00 -6.82 -4.87
C PRO A 6 6.54 -5.62 -5.69
N GLU A 7 7.14 -5.47 -6.89
CA GLU A 7 6.86 -4.30 -7.74
C GLU A 7 5.39 -4.22 -8.14
N GLN A 8 4.80 -5.37 -8.49
CA GLN A 8 3.38 -5.40 -8.89
C GLN A 8 2.50 -4.97 -7.72
N ARG A 9 2.84 -5.45 -6.52
CA ARG A 9 2.11 -5.09 -5.30
C ARG A 9 2.19 -3.57 -5.08
N TYR A 10 3.39 -3.02 -5.28
CA TYR A 10 3.63 -1.59 -5.13
C TYR A 10 2.79 -0.80 -6.15
N GLU A 11 2.61 -1.36 -7.35
CA GLU A 11 1.82 -0.70 -8.39
C GLU A 11 0.39 -0.48 -7.88
N GLN A 12 -0.16 -1.52 -7.23
CA GLN A 12 -1.49 -1.42 -6.63
C GLN A 12 -1.48 -0.37 -5.51
N CYS A 13 -0.36 -0.35 -4.75
CA CYS A 13 -0.19 0.62 -3.67
C CYS A 13 -0.19 2.05 -4.23
N GLN A 14 0.44 2.22 -5.39
CA GLN A 14 0.56 3.52 -6.04
C GLN A 14 -0.81 4.10 -6.34
N GLN A 15 -1.72 3.24 -6.83
CA GLN A 15 -3.08 3.68 -7.17
C GLN A 15 -3.86 4.16 -5.93
N GLN A 16 -3.75 3.39 -4.82
CA GLN A 16 -4.50 3.72 -3.60
C GLN A 16 -3.92 4.93 -2.85
N CYS A 17 -2.59 4.94 -2.66
CA CYS A 17 -1.94 6.06 -1.95
C CYS A 17 -2.08 7.37 -2.73
N GLU A 18 -2.03 7.27 -4.06
CA GLU A 18 -2.17 8.45 -4.92
C GLU A 18 -3.56 9.07 -4.77
N ARG A 19 -4.57 8.20 -4.71
CA ARG A 19 -5.97 8.66 -4.59
C ARG A 19 -6.18 9.47 -3.31
N GLN A 20 -5.66 8.97 -2.18
CA GLN A 20 -5.85 9.65 -0.89
C GLN A 20 -5.07 10.97 -0.79
N ARG A 21 -3.90 11.06 -1.44
CA ARG A 21 -3.10 12.30 -1.40
C ARG A 21 -2.03 12.33 -2.50
N ARG A 22 -1.68 13.54 -2.94
CA ARG A 22 -0.72 13.73 -4.03
C ARG A 22 0.49 14.56 -3.56
N GLY A 23 1.71 14.13 -3.95
CA GLY A 23 2.95 14.83 -3.60
C GLY A 23 3.85 13.96 -2.73
N GLN A 24 5.16 13.94 -3.06
CA GLN A 24 6.14 13.12 -2.31
C GLN A 24 5.62 11.69 -2.15
N GLU A 25 5.04 11.17 -3.24
CA GLU A 25 4.41 9.86 -3.25
C GLU A 25 5.40 8.71 -3.00
N GLN A 26 6.69 8.91 -3.29
CA GLN A 26 7.66 7.81 -3.14
C GLN A 26 7.66 7.26 -1.70
N THR A 27 8.03 8.13 -0.75
CA THR A 27 8.08 7.73 0.66
C THR A 27 6.69 7.58 1.27
N LEU A 28 5.78 8.50 0.93
CA LEU A 28 4.42 8.50 1.47
C LEU A 28 3.63 7.25 1.06
N CYS A 29 3.76 6.87 -0.22
CA CYS A 29 3.02 5.71 -0.75
C CYS A 29 3.50 4.43 -0.11
N ARG A 30 4.83 4.27 -0.02
CA ARG A 30 5.40 3.05 0.55
C ARG A 30 4.97 2.86 2.00
N ARG A 31 5.00 3.96 2.77
CA ARG A 31 4.61 3.91 4.19
C ARG A 31 3.10 3.71 4.38
N ARG A 32 2.30 4.45 3.59
CA ARG A 32 0.84 4.40 3.72
C ARG A 32 0.25 3.05 3.30
N CYS A 33 0.73 2.49 2.18
CA CYS A 33 0.24 1.20 1.71
C CYS A 33 0.66 0.08 2.65
N GLU A 34 1.94 0.12 3.06
CA GLU A 34 2.52 -0.90 3.93
C GLU A 34 1.85 -0.89 5.32
N GLN A 35 1.62 0.32 5.88
CA GLN A 35 0.99 0.42 7.21
C GLN A 35 -0.45 -0.10 7.19
N ARG A 36 -1.14 0.09 6.05
CA ARG A 36 -2.49 -0.42 5.88
C ARG A 36 -2.47 -1.94 5.97
N ARG A 37 -1.45 -2.56 5.35
CA ARG A 37 -1.31 -4.01 5.36
C ARG A 37 -1.22 -4.53 6.80
N GLN A 38 -0.45 -3.82 7.64
CA GLN A 38 -0.31 -4.23 9.04
C GLN A 38 -1.67 -4.18 9.74
N GLN A 39 -2.45 -3.13 9.46
CA GLN A 39 -3.77 -2.96 10.04
C GLN A 39 -4.72 -4.05 9.54
N GLU A 40 -4.60 -4.40 8.25
CA GLU A 40 -5.45 -5.42 7.64
C GLU A 40 -5.20 -6.79 8.29
N GLU A 41 -3.92 -7.08 8.57
CA GLU A 41 -3.54 -8.36 9.17
C GLU A 41 -4.13 -8.49 10.58
N ARG A 42 -4.06 -7.39 11.35
CA ARG A 42 -4.59 -7.36 12.70
C ARG A 42 -6.11 -7.42 12.70
N GLU A 43 -6.73 -6.87 11.63
CA GLU A 43 -8.18 -6.95 11.49
C GLU A 43 -8.55 -8.41 11.40
N ARG A 44 -9.49 -8.83 12.24
CA ARG A 44 -9.83 -10.24 12.33
C ARG A 44 -10.26 -10.78 10.97
N GLN A 45 -9.51 -11.77 10.48
CA GLN A 45 -9.77 -12.39 9.17
C GLN A 45 -9.75 -11.34 8.06
N GLY A 1 -13.85 -14.04 0.07
CA GLY A 1 -13.47 -13.69 -1.34
C GLY A 1 -12.03 -13.18 -1.36
N MET A 2 -11.81 -12.07 -2.07
CA MET A 2 -10.48 -11.47 -2.20
C MET A 2 -9.41 -12.54 -2.59
N PRO A 3 -9.55 -13.19 -3.77
CA PRO A 3 -8.56 -14.24 -4.22
C PRO A 3 -7.12 -13.71 -4.25
N ARG A 4 -6.97 -12.43 -4.62
CA ARG A 4 -5.67 -11.80 -4.71
C ARG A 4 -4.97 -11.73 -3.36
N ASP A 5 -3.65 -11.94 -3.36
CA ASP A 5 -2.84 -11.88 -2.14
C ASP A 5 -2.68 -10.42 -1.67
N PRO A 6 -2.41 -10.18 -0.36
CA PRO A 6 -2.24 -8.78 0.18
C PRO A 6 -1.07 -8.05 -0.48
N GLU A 7 -0.10 -8.83 -1.00
CA GLU A 7 1.06 -8.26 -1.70
C GLU A 7 0.60 -7.48 -2.93
N GLN A 8 -0.39 -8.02 -3.65
CA GLN A 8 -0.93 -7.37 -4.85
C GLN A 8 -1.54 -6.02 -4.49
N ARG A 9 -2.25 -5.97 -3.36
CA ARG A 9 -2.90 -4.75 -2.90
C ARG A 9 -1.86 -3.65 -2.65
N TYR A 10 -0.70 -4.06 -2.10
CA TYR A 10 0.40 -3.12 -1.85
C TYR A 10 0.86 -2.48 -3.16
N GLU A 11 1.04 -3.29 -4.19
CA GLU A 11 1.49 -2.82 -5.51
C GLU A 11 0.48 -1.84 -6.07
N GLN A 12 -0.81 -2.17 -5.92
CA GLN A 12 -1.89 -1.30 -6.37
C GLN A 12 -1.87 0.02 -5.59
N CYS A 13 -1.60 -0.08 -4.27
CA CYS A 13 -1.55 1.09 -3.40
C CYS A 13 -0.44 2.01 -3.81
N GLN A 14 0.74 1.43 -4.10
CA GLN A 14 1.91 2.21 -4.50
C GLN A 14 1.65 2.96 -5.80
N GLN A 15 1.04 2.27 -6.78
CA GLN A 15 0.73 2.90 -8.07
C GLN A 15 -0.24 4.06 -7.88
N GLN A 16 -1.25 3.84 -7.03
CA GLN A 16 -2.21 4.89 -6.70
C GLN A 16 -1.50 6.04 -5.99
N CYS A 17 -0.56 5.67 -5.10
CA CYS A 17 0.19 6.64 -4.34
C CYS A 17 1.03 7.53 -5.26
N GLU A 18 1.65 6.92 -6.28
CA GLU A 18 2.49 7.65 -7.22
C GLU A 18 1.69 8.72 -7.94
N ARG A 19 0.45 8.40 -8.29
CA ARG A 19 -0.43 9.37 -8.96
C ARG A 19 -0.72 10.57 -8.05
N GLN A 20 -0.94 10.29 -6.75
CA GLN A 20 -1.28 11.34 -5.77
C GLN A 20 -0.11 12.30 -5.49
N ARG A 21 1.12 11.73 -5.29
CA ARG A 21 2.35 12.51 -4.94
C ARG A 21 2.03 13.93 -4.31
N ARG A 22 2.33 15.04 -5.04
CA ARG A 22 2.00 16.40 -4.59
C ARG A 22 2.71 16.82 -3.26
N GLY A 23 3.99 17.20 -3.38
CA GLY A 23 4.76 17.75 -2.24
C GLY A 23 4.82 16.82 -1.02
N GLN A 24 4.44 17.38 0.14
CA GLN A 24 4.50 16.67 1.43
C GLN A 24 3.64 15.42 1.42
N GLU A 25 2.50 15.50 0.72
CA GLU A 25 1.59 14.36 0.62
C GLU A 25 2.33 13.13 0.06
N GLN A 26 3.49 13.34 -0.59
CA GLN A 26 4.30 12.25 -1.12
C GLN A 26 4.78 11.34 0.02
N THR A 27 5.24 11.97 1.12
CA THR A 27 5.75 11.22 2.28
C THR A 27 4.63 10.57 3.07
N LEU A 28 3.55 11.32 3.29
CA LEU A 28 2.38 10.79 4.03
C LEU A 28 1.74 9.64 3.26
N CYS A 29 1.65 9.81 1.94
CA CYS A 29 1.06 8.83 1.06
C CYS A 29 1.81 7.48 1.10
N ARG A 30 3.13 7.56 0.99
CA ARG A 30 3.97 6.36 0.97
C ARG A 30 3.79 5.56 2.27
N ARG A 31 3.75 6.26 3.39
CA ARG A 31 3.58 5.64 4.70
C ARG A 31 2.23 4.89 4.78
N ARG A 32 1.18 5.50 4.21
CA ARG A 32 -0.17 4.92 4.24
C ARG A 32 -0.19 3.54 3.56
N CYS A 33 0.42 3.44 2.36
CA CYS A 33 0.49 2.16 1.63
C CYS A 33 1.26 1.12 2.44
N GLU A 34 2.34 1.56 3.09
CA GLU A 34 3.17 0.65 3.90
C GLU A 34 2.35 0.05 5.06
N GLN A 35 1.54 0.90 5.70
CA GLN A 35 0.71 0.46 6.82
C GLN A 35 -0.32 -0.57 6.37
N ARG A 36 -0.91 -0.34 5.19
CA ARG A 36 -1.91 -1.24 4.63
C ARG A 36 -1.33 -2.63 4.38
N ARG A 37 -0.10 -2.68 3.83
CA ARG A 37 0.54 -3.97 3.53
C ARG A 37 0.69 -4.81 4.80
N GLN A 38 1.21 -4.19 5.86
CA GLN A 38 1.38 -4.87 7.15
C GLN A 38 0.03 -5.20 7.77
N GLN A 39 -0.90 -4.26 7.65
CA GLN A 39 -2.25 -4.40 8.21
C GLN A 39 -3.00 -5.58 7.59
N GLU A 40 -2.91 -5.70 6.26
CA GLU A 40 -3.55 -6.78 5.53
C GLU A 40 -2.92 -8.13 5.87
N GLU A 41 -1.59 -8.13 6.00
CA GLU A 41 -0.84 -9.34 6.33
C GLU A 41 -1.25 -9.90 7.70
N ARG A 42 -1.46 -8.98 8.65
CA ARG A 42 -1.86 -9.34 10.02
C ARG A 42 -3.25 -9.94 10.07
N GLU A 43 -4.12 -9.55 9.11
CA GLU A 43 -5.46 -10.12 9.04
C GLU A 43 -5.35 -11.63 8.86
N ARG A 44 -4.38 -12.04 8.01
CA ARG A 44 -4.09 -13.44 7.80
C ARG A 44 -3.00 -13.91 8.77
N GLN A 45 -3.21 -15.08 9.38
CA GLN A 45 -2.25 -15.64 10.34
C GLN A 45 -0.94 -16.01 9.64
N GLY A 1 6.57 -16.98 1.24
CA GLY A 1 6.17 -16.93 -0.19
C GLY A 1 4.80 -16.28 -0.33
N MET A 2 4.63 -15.50 -1.40
CA MET A 2 3.36 -14.81 -1.66
C MET A 2 2.91 -14.99 -3.14
N PRO A 3 1.60 -14.86 -3.45
CA PRO A 3 1.10 -15.02 -4.86
C PRO A 3 1.77 -14.04 -5.83
N ARG A 4 2.09 -14.53 -7.03
CA ARG A 4 2.71 -13.70 -8.07
C ARG A 4 3.90 -12.90 -7.52
N ASP A 5 4.48 -12.03 -8.38
CA ASP A 5 5.63 -11.21 -8.00
C ASP A 5 5.22 -10.09 -7.01
N PRO A 6 6.16 -9.62 -6.14
CA PRO A 6 5.86 -8.52 -5.16
C PRO A 6 5.60 -7.16 -5.86
N GLU A 7 5.97 -7.07 -7.14
CA GLU A 7 5.79 -5.84 -7.91
C GLU A 7 4.31 -5.46 -7.99
N GLN A 8 3.45 -6.47 -8.14
CA GLN A 8 2.00 -6.25 -8.21
C GLN A 8 1.50 -5.58 -6.93
N ARG A 9 2.05 -6.01 -5.79
CA ARG A 9 1.68 -5.45 -4.49
C ARG A 9 1.97 -3.94 -4.46
N TYR A 10 3.16 -3.55 -4.93
CA TYR A 10 3.57 -2.15 -4.97
C TYR A 10 2.72 -1.33 -5.96
N GLU A 11 2.35 -1.95 -7.09
CA GLU A 11 1.53 -1.26 -8.10
C GLU A 11 0.21 -0.83 -7.46
N GLN A 12 -0.36 -1.72 -6.65
CA GLN A 12 -1.57 -1.41 -5.90
C GLN A 12 -1.29 -0.32 -4.86
N CYS A 13 -0.09 -0.39 -4.24
CA CYS A 13 0.30 0.56 -3.20
C CYS A 13 0.36 1.97 -3.76
N GLN A 14 0.92 2.10 -4.97
CA GLN A 14 1.07 3.39 -5.64
C GLN A 14 -0.31 3.98 -5.95
N GLN A 15 -1.23 3.12 -6.40
CA GLN A 15 -2.57 3.56 -6.79
C GLN A 15 -3.32 4.20 -5.60
N GLN A 16 -3.25 3.56 -4.42
CA GLN A 16 -3.96 4.07 -3.24
C GLN A 16 -3.41 5.45 -2.83
N CYS A 17 -2.08 5.57 -2.71
CA CYS A 17 -1.47 6.84 -2.31
C CYS A 17 -1.64 7.92 -3.37
N GLU A 18 -1.65 7.50 -4.65
CA GLU A 18 -1.87 8.44 -5.77
C GLU A 18 -3.26 9.07 -5.67
N ARG A 19 -4.24 8.25 -5.26
CA ARG A 19 -5.62 8.72 -5.10
C ARG A 19 -5.65 9.84 -4.05
N GLN A 20 -4.92 9.63 -2.95
CA GLN A 20 -4.86 10.63 -1.87
C GLN A 20 -4.21 11.92 -2.38
N ARG A 21 -3.16 11.77 -3.20
CA ARG A 21 -2.46 12.92 -3.79
C ARG A 21 -1.93 13.89 -2.71
N ARG A 22 -0.73 13.61 -2.22
CA ARG A 22 -0.08 14.46 -1.21
C ARG A 22 1.39 14.66 -1.51
N GLY A 23 1.98 15.73 -0.94
CA GLY A 23 3.40 16.03 -1.14
C GLY A 23 4.25 14.90 -0.59
N GLN A 24 5.50 14.78 -1.11
CA GLN A 24 6.39 13.69 -0.69
C GLN A 24 5.70 12.34 -0.98
N GLU A 25 5.30 12.17 -2.24
CA GLU A 25 4.54 11.00 -2.68
C GLU A 25 5.30 9.70 -2.44
N GLN A 26 6.63 9.71 -2.67
CA GLN A 26 7.43 8.49 -2.51
C GLN A 26 7.39 7.98 -1.07
N THR A 27 7.55 8.90 -0.11
CA THR A 27 7.54 8.54 1.31
C THR A 27 6.13 8.17 1.77
N LEU A 28 5.13 8.90 1.25
CA LEU A 28 3.73 8.67 1.61
C LEU A 28 3.24 7.33 1.07
N CYS A 29 3.64 7.01 -0.17
CA CYS A 29 3.20 5.77 -0.83
C CYS A 29 3.69 4.54 -0.08
N ARG A 30 4.97 4.55 0.33
CA ARG A 30 5.54 3.40 1.04
C ARG A 30 4.89 3.22 2.42
N ARG A 31 4.71 4.33 3.13
CA ARG A 31 4.13 4.31 4.48
C ARG A 31 2.62 3.99 4.46
N ARG A 32 1.89 4.67 3.58
CA ARG A 32 0.42 4.53 3.53
C ARG A 32 0.00 3.10 3.19
N CYS A 33 0.58 2.54 2.11
CA CYS A 33 0.25 1.18 1.70
C CYS A 33 0.72 0.17 2.74
N GLU A 34 1.96 0.35 3.22
CA GLU A 34 2.54 -0.57 4.20
C GLU A 34 1.73 -0.58 5.50
N GLN A 35 1.32 0.62 5.95
CA GLN A 35 0.53 0.73 7.18
C GLN A 35 -0.81 0.02 7.04
N ARG A 36 -1.44 0.18 5.86
CA ARG A 36 -2.71 -0.45 5.58
C ARG A 36 -2.58 -1.97 5.58
N ARG A 37 -1.48 -2.48 5.01
CA ARG A 37 -1.25 -3.93 4.96
C ARG A 37 -1.13 -4.53 6.37
N GLN A 38 -0.30 -3.89 7.21
CA GLN A 38 -0.13 -4.34 8.59
C GLN A 38 -1.43 -4.17 9.38
N GLN A 39 -2.10 -3.04 9.14
CA GLN A 39 -3.35 -2.71 9.81
C GLN A 39 -4.44 -3.73 9.49
N GLU A 40 -4.56 -4.09 8.20
CA GLU A 40 -5.57 -5.04 7.75
C GLU A 40 -5.30 -6.47 8.23
N GLU A 41 -4.02 -6.88 8.21
CA GLU A 41 -3.64 -8.23 8.61
C GLU A 41 -3.98 -8.51 10.07
N ARG A 42 -3.76 -7.53 10.94
CA ARG A 42 -4.08 -7.69 12.37
C ARG A 42 -5.59 -7.59 12.61
N GLU A 43 -6.29 -6.83 11.75
CA GLU A 43 -7.73 -6.72 11.83
C GLU A 43 -8.36 -8.06 11.47
N ARG A 44 -7.81 -8.70 10.43
CA ARG A 44 -8.29 -10.00 9.98
C ARG A 44 -7.51 -11.12 10.68
N GLN A 45 -8.20 -11.88 11.52
CA GLN A 45 -7.59 -13.00 12.24
C GLN A 45 -6.87 -13.95 11.28
N GLY A 1 -1.20 -17.71 4.54
CA GLY A 1 -0.02 -16.86 4.84
C GLY A 1 0.35 -16.05 3.60
N MET A 2 -0.59 -15.21 3.15
CA MET A 2 -0.38 -14.37 1.97
C MET A 2 0.17 -15.21 0.77
N PRO A 3 -0.62 -16.17 0.24
CA PRO A 3 -0.18 -17.03 -0.91
C PRO A 3 0.05 -16.21 -2.19
N ARG A 4 -0.65 -15.07 -2.29
CA ARG A 4 -0.53 -14.19 -3.45
C ARG A 4 0.87 -13.58 -3.53
N ASP A 5 1.27 -13.17 -4.73
CA ASP A 5 2.59 -12.57 -4.95
C ASP A 5 2.70 -11.18 -4.29
N PRO A 6 3.90 -10.76 -3.83
CA PRO A 6 4.08 -9.42 -3.17
C PRO A 6 3.84 -8.24 -4.12
N GLU A 7 3.96 -8.51 -5.43
CA GLU A 7 3.76 -7.47 -6.44
C GLU A 7 2.37 -6.84 -6.35
N GLN A 8 1.38 -7.64 -5.92
CA GLN A 8 0.01 -7.15 -5.76
C GLN A 8 -0.06 -6.07 -4.67
N ARG A 9 0.69 -6.31 -3.58
CA ARG A 9 0.73 -5.37 -2.45
C ARG A 9 1.27 -4.01 -2.92
N TYR A 10 2.37 -4.05 -3.68
CA TYR A 10 2.99 -2.81 -4.19
C TYR A 10 2.08 -2.09 -5.18
N GLU A 11 1.38 -2.86 -6.02
CA GLU A 11 0.46 -2.27 -7.00
C GLU A 11 -0.62 -1.47 -6.29
N GLN A 12 -1.14 -2.03 -5.19
CA GLN A 12 -2.12 -1.35 -4.35
C GLN A 12 -1.48 -0.12 -3.70
N CYS A 13 -0.22 -0.28 -3.27
CA CYS A 13 0.52 0.81 -2.60
C CYS A 13 0.68 2.01 -3.52
N GLN A 14 1.06 1.75 -4.77
CA GLN A 14 1.23 2.82 -5.75
C GLN A 14 -0.10 3.49 -6.04
N GLN A 15 -1.14 2.67 -6.16
CA GLN A 15 -2.49 3.16 -6.45
C GLN A 15 -3.02 4.05 -5.31
N GLN A 16 -2.75 3.64 -4.06
CA GLN A 16 -3.28 4.38 -2.91
C GLN A 16 -2.70 5.79 -2.81
N CYS A 17 -1.36 5.91 -2.68
CA CYS A 17 -0.73 7.22 -2.52
C CYS A 17 -0.78 8.07 -3.79
N GLU A 18 -0.60 7.43 -4.96
CA GLU A 18 -0.61 8.16 -6.23
C GLU A 18 -1.99 8.80 -6.47
N ARG A 19 -3.04 8.04 -6.18
CA ARG A 19 -4.41 8.51 -6.35
C ARG A 19 -4.71 9.71 -5.44
N GLN A 20 -4.24 9.63 -4.19
CA GLN A 20 -4.49 10.68 -3.20
C GLN A 20 -3.89 12.03 -3.64
N ARG A 21 -2.67 11.99 -4.19
CA ARG A 21 -1.99 13.21 -4.67
C ARG A 21 -1.86 14.25 -3.53
N ARG A 22 -1.48 13.79 -2.33
CA ARG A 22 -1.34 14.68 -1.16
C ARG A 22 0.14 14.85 -0.78
N GLY A 23 0.58 16.11 -0.67
CA GLY A 23 1.96 16.43 -0.29
C GLY A 23 2.96 15.80 -1.26
N GLN A 24 4.00 15.18 -0.70
CA GLN A 24 5.03 14.53 -1.51
C GLN A 24 4.64 13.08 -1.80
N GLU A 25 4.76 12.67 -3.07
CA GLU A 25 4.39 11.31 -3.47
C GLU A 25 5.26 10.26 -2.80
N GLN A 26 6.57 10.51 -2.74
CA GLN A 26 7.51 9.55 -2.12
C GLN A 26 7.25 9.39 -0.63
N THR A 27 7.01 10.52 0.05
CA THR A 27 6.74 10.52 1.49
C THR A 27 5.39 9.87 1.76
N LEU A 28 4.39 10.25 0.96
CA LEU A 28 3.03 9.75 1.11
C LEU A 28 2.97 8.24 0.86
N CYS A 29 3.65 7.78 -0.19
CA CYS A 29 3.64 6.36 -0.56
C CYS A 29 4.21 5.49 0.54
N ARG A 30 5.32 5.94 1.15
CA ARG A 30 5.95 5.18 2.22
C ARG A 30 5.02 5.04 3.43
N ARG A 31 4.34 6.15 3.78
CA ARG A 31 3.45 6.17 4.95
C ARG A 31 2.15 5.38 4.71
N ARG A 32 1.46 5.67 3.59
CA ARG A 32 0.17 5.04 3.29
C ARG A 32 0.31 3.54 3.05
N CYS A 33 1.31 3.15 2.26
CA CYS A 33 1.55 1.74 1.95
C CYS A 33 1.94 0.96 3.20
N GLU A 34 2.87 1.52 4.00
CA GLU A 34 3.31 0.86 5.23
C GLU A 34 2.13 0.66 6.17
N GLN A 35 1.31 1.70 6.31
CA GLN A 35 0.11 1.65 7.15
C GLN A 35 -0.90 0.63 6.61
N ARG A 36 -1.04 0.61 5.28
CA ARG A 36 -1.95 -0.30 4.60
C ARG A 36 -1.52 -1.75 4.84
N ARG A 37 -0.20 -1.98 4.79
CA ARG A 37 0.37 -3.31 4.98
C ARG A 37 -0.04 -3.87 6.34
N GLN A 38 0.09 -3.05 7.37
CA GLN A 38 -0.26 -3.46 8.73
C GLN A 38 -1.75 -3.78 8.84
N GLN A 39 -2.58 -2.94 8.19
CA GLN A 39 -4.03 -3.11 8.22
C GLN A 39 -4.45 -4.42 7.55
N GLU A 40 -3.83 -4.73 6.40
CA GLU A 40 -4.14 -5.97 5.67
C GLU A 40 -3.55 -7.21 6.35
N GLU A 41 -2.43 -7.02 7.07
CA GLU A 41 -1.77 -8.11 7.77
C GLU A 41 -2.69 -8.70 8.85
N ARG A 42 -3.36 -7.81 9.59
CA ARG A 42 -4.27 -8.21 10.67
C ARG A 42 -5.53 -8.87 10.13
N GLU A 43 -5.93 -8.51 8.89
CA GLU A 43 -7.12 -9.12 8.27
C GLU A 43 -7.00 -10.63 8.37
N ARG A 44 -7.76 -11.21 9.29
CA ARG A 44 -7.65 -12.63 9.60
C ARG A 44 -7.80 -13.47 8.35
N GLN A 45 -6.79 -14.30 8.09
CA GLN A 45 -6.80 -15.20 6.93
C GLN A 45 -6.84 -16.66 7.37
N GLY A 1 1.01 -17.77 1.87
CA GLY A 1 0.85 -17.85 0.39
C GLY A 1 0.82 -16.44 -0.20
N MET A 2 1.73 -15.58 0.28
CA MET A 2 1.83 -14.20 -0.19
C MET A 2 2.40 -14.14 -1.63
N PRO A 3 2.02 -13.14 -2.45
CA PRO A 3 2.55 -13.02 -3.86
C PRO A 3 4.06 -12.94 -3.88
N ARG A 4 4.69 -13.68 -4.81
CA ARG A 4 6.15 -13.70 -4.92
C ARG A 4 6.70 -12.33 -5.29
N ASP A 5 6.04 -11.66 -6.25
CA ASP A 5 6.47 -10.35 -6.72
C ASP A 5 5.91 -9.22 -5.79
N PRO A 6 6.76 -8.53 -4.98
CA PRO A 6 6.27 -7.44 -4.08
C PRO A 6 5.92 -6.14 -4.83
N GLU A 7 6.58 -5.92 -5.96
CA GLU A 7 6.39 -4.69 -6.74
C GLU A 7 5.03 -4.62 -7.43
N GLN A 8 4.44 -5.79 -7.75
CA GLN A 8 3.13 -5.82 -8.42
C GLN A 8 2.07 -5.17 -7.52
N ARG A 9 2.09 -5.55 -6.24
CA ARG A 9 1.18 -4.97 -5.25
C ARG A 9 1.51 -3.50 -5.03
N TYR A 10 2.81 -3.19 -5.03
CA TYR A 10 3.29 -1.84 -4.84
C TYR A 10 2.73 -0.92 -5.93
N GLU A 11 2.76 -1.38 -7.20
CA GLU A 11 2.25 -0.58 -8.32
C GLU A 11 0.77 -0.27 -8.09
N GLN A 12 0.02 -1.26 -7.63
CA GLN A 12 -1.39 -1.06 -7.28
C GLN A 12 -1.49 -0.02 -6.16
N CYS A 13 -0.55 -0.11 -5.21
CA CYS A 13 -0.49 0.84 -4.10
C CYS A 13 -0.19 2.25 -4.59
N GLN A 14 0.65 2.37 -5.63
CA GLN A 14 1.02 3.69 -6.15
C GLN A 14 -0.22 4.44 -6.59
N GLN A 15 -1.13 3.73 -7.27
CA GLN A 15 -2.38 4.33 -7.72
C GLN A 15 -3.28 4.68 -6.52
N GLN A 16 -3.35 3.76 -5.54
CA GLN A 16 -4.22 3.95 -4.35
C GLN A 16 -3.78 5.16 -3.51
N CYS A 17 -2.48 5.22 -3.18
CA CYS A 17 -1.94 6.32 -2.38
C CYS A 17 -2.01 7.66 -3.12
N GLU A 18 -1.88 7.60 -4.46
CA GLU A 18 -1.93 8.81 -5.28
C GLU A 18 -3.29 9.51 -5.14
N ARG A 19 -4.36 8.71 -5.19
CA ARG A 19 -5.72 9.24 -5.05
C ARG A 19 -5.90 9.86 -3.66
N GLN A 20 -5.40 9.17 -2.64
CA GLN A 20 -5.56 9.61 -1.25
C GLN A 20 -4.87 10.95 -0.98
N ARG A 21 -3.65 11.14 -1.54
CA ARG A 21 -2.88 12.39 -1.29
C ARG A 21 -1.87 12.65 -2.41
N ARG A 22 -1.61 13.95 -2.67
CA ARG A 22 -0.63 14.36 -3.70
C ARG A 22 0.48 15.21 -3.07
N GLY A 23 1.73 14.88 -3.40
CA GLY A 23 2.91 15.57 -2.86
C GLY A 23 3.68 14.66 -1.92
N GLN A 24 5.01 14.61 -2.07
CA GLN A 24 5.85 13.69 -1.26
C GLN A 24 5.27 12.26 -1.34
N GLU A 25 4.84 11.90 -2.55
CA GLU A 25 4.17 10.63 -2.80
C GLU A 25 5.03 9.42 -2.48
N GLN A 26 6.32 9.47 -2.82
CA GLN A 26 7.20 8.30 -2.65
C GLN A 26 7.29 7.86 -1.19
N THR A 27 7.50 8.83 -0.27
CA THR A 27 7.64 8.52 1.15
C THR A 27 6.31 8.06 1.78
N LEU A 28 5.22 8.81 1.50
CA LEU A 28 3.92 8.51 2.09
C LEU A 28 3.29 7.26 1.49
N CYS A 29 3.42 7.11 0.18
CA CYS A 29 2.81 5.97 -0.52
C CYS A 29 3.39 4.65 -0.05
N ARG A 30 4.74 4.58 0.00
CA ARG A 30 5.41 3.34 0.39
C ARG A 30 5.01 2.94 1.81
N ARG A 31 5.05 3.91 2.75
CA ARG A 31 4.72 3.63 4.15
C ARG A 31 3.22 3.38 4.35
N ARG A 32 2.39 4.15 3.64
CA ARG A 32 0.93 4.05 3.77
C ARG A 32 0.42 2.66 3.35
N CYS A 33 0.88 2.20 2.17
CA CYS A 33 0.50 0.87 1.66
C CYS A 33 1.04 -0.26 2.56
N GLU A 34 2.33 -0.20 2.91
CA GLU A 34 2.95 -1.22 3.75
C GLU A 34 2.26 -1.27 5.12
N GLN A 35 1.99 -0.10 5.68
CA GLN A 35 1.30 0.02 6.97
C GLN A 35 -0.14 -0.51 6.86
N ARG A 36 -0.79 -0.22 5.74
CA ARG A 36 -2.17 -0.63 5.51
C ARG A 36 -2.26 -2.15 5.53
N ARG A 37 -1.31 -2.82 4.88
CA ARG A 37 -1.30 -4.28 4.82
C ARG A 37 -1.18 -4.86 6.24
N GLN A 38 -0.33 -4.24 7.06
CA GLN A 38 -0.14 -4.67 8.44
C GLN A 38 -1.45 -4.49 9.23
N GLN A 39 -2.11 -3.35 9.01
CA GLN A 39 -3.37 -3.05 9.69
C GLN A 39 -4.46 -4.03 9.26
N GLU A 40 -4.48 -4.36 7.96
CA GLU A 40 -5.46 -5.29 7.40
C GLU A 40 -5.32 -6.68 8.02
N GLU A 41 -4.06 -7.10 8.23
CA GLU A 41 -3.77 -8.40 8.82
C GLU A 41 -4.27 -8.48 10.26
N ARG A 42 -4.13 -7.36 10.99
CA ARG A 42 -4.54 -7.28 12.40
C ARG A 42 -6.03 -7.45 12.57
N GLU A 43 -6.83 -7.08 11.53
CA GLU A 43 -8.28 -7.27 11.59
C GLU A 43 -8.55 -8.74 11.90
N ARG A 44 -8.99 -8.99 13.14
CA ARG A 44 -9.15 -10.36 13.62
C ARG A 44 -9.98 -11.19 12.67
N GLN A 45 -9.41 -12.33 12.26
CA GLN A 45 -10.07 -13.26 11.35
C GLN A 45 -10.44 -12.57 10.03
N GLY A 1 -12.63 -19.77 -6.03
CA GLY A 1 -12.88 -18.31 -6.01
C GLY A 1 -12.33 -17.72 -4.72
N MET A 2 -11.05 -18.01 -4.44
CA MET A 2 -10.38 -17.50 -3.25
C MET A 2 -10.14 -15.97 -3.37
N PRO A 3 -10.11 -15.22 -2.24
CA PRO A 3 -9.87 -13.74 -2.28
C PRO A 3 -8.55 -13.40 -2.96
N ARG A 4 -8.54 -12.30 -3.73
CA ARG A 4 -7.33 -11.88 -4.44
C ARG A 4 -6.16 -11.68 -3.47
N ASP A 5 -4.93 -11.96 -3.95
CA ASP A 5 -3.75 -11.82 -3.12
C ASP A 5 -3.49 -10.33 -2.79
N PRO A 6 -3.06 -9.98 -1.56
CA PRO A 6 -2.81 -8.55 -1.16
C PRO A 6 -1.58 -7.93 -1.83
N GLU A 7 -0.69 -8.78 -2.37
CA GLU A 7 0.55 -8.30 -2.99
C GLU A 7 0.27 -7.38 -4.18
N GLN A 8 -0.70 -7.76 -5.01
CA GLN A 8 -1.06 -6.97 -6.18
C GLN A 8 -1.67 -5.62 -5.79
N ARG A 9 -2.52 -5.61 -4.74
CA ARG A 9 -3.15 -4.37 -4.29
C ARG A 9 -2.10 -3.37 -3.81
N TYR A 10 -1.08 -3.87 -3.09
CA TYR A 10 -0.02 -3.01 -2.57
C TYR A 10 0.75 -2.32 -3.72
N GLU A 11 1.09 -3.10 -4.76
CA GLU A 11 1.82 -2.54 -5.91
C GLU A 11 1.02 -1.43 -6.56
N GLN A 12 -0.29 -1.67 -6.71
CA GLN A 12 -1.21 -0.66 -7.25
C GLN A 12 -1.30 0.54 -6.30
N CYS A 13 -1.31 0.24 -5.00
CA CYS A 13 -1.39 1.25 -3.96
C CYS A 13 -0.20 2.20 -4.02
N GLN A 14 1.01 1.64 -4.15
CA GLN A 14 2.23 2.44 -4.27
C GLN A 14 2.14 3.32 -5.51
N GLN A 15 1.60 2.75 -6.59
CA GLN A 15 1.40 3.47 -7.83
C GLN A 15 0.42 4.63 -7.62
N GLN A 16 -0.59 4.41 -6.76
CA GLN A 16 -1.60 5.44 -6.51
C GLN A 16 -0.94 6.72 -5.98
N CYS A 17 -0.04 6.57 -4.99
CA CYS A 17 0.71 7.74 -4.47
C CYS A 17 1.60 8.34 -5.57
N GLU A 18 2.22 7.46 -6.36
CA GLU A 18 3.13 7.87 -7.42
C GLU A 18 2.40 8.74 -8.47
N ARG A 19 1.19 8.33 -8.87
CA ARG A 19 0.43 9.07 -9.89
C ARG A 19 -0.10 10.42 -9.36
N GLN A 20 -0.40 10.48 -8.05
CA GLN A 20 -0.91 11.71 -7.44
C GLN A 20 0.12 12.83 -7.54
N ARG A 21 1.40 12.50 -7.29
CA ARG A 21 2.48 13.50 -7.37
C ARG A 21 2.13 14.77 -6.55
N ARG A 22 1.38 14.57 -5.47
CA ARG A 22 0.94 15.68 -4.62
C ARG A 22 2.15 16.41 -4.02
N GLY A 23 3.15 15.64 -3.57
CA GLY A 23 4.36 16.21 -2.97
C GLY A 23 4.62 15.58 -1.60
N GLN A 24 4.55 16.41 -0.55
CA GLN A 24 4.74 15.93 0.82
C GLN A 24 3.68 14.88 1.17
N GLU A 25 2.46 15.12 0.71
CA GLU A 25 1.34 14.19 0.94
C GLU A 25 1.67 12.81 0.37
N GLN A 26 2.42 12.78 -0.74
CA GLN A 26 2.78 11.53 -1.40
C GLN A 26 3.55 10.63 -0.43
N THR A 27 4.45 11.23 0.36
CA THR A 27 5.21 10.46 1.35
C THR A 27 4.29 9.99 2.48
N LEU A 28 3.31 10.84 2.85
CA LEU A 28 2.36 10.50 3.91
C LEU A 28 1.46 9.31 3.52
N CYS A 29 0.95 9.31 2.27
CA CYS A 29 0.05 8.23 1.81
C CYS A 29 0.81 6.91 1.68
N ARG A 30 2.10 6.97 1.32
CA ARG A 30 2.93 5.77 1.23
C ARG A 30 3.08 5.13 2.60
N ARG A 31 3.25 5.98 3.63
CA ARG A 31 3.38 5.50 5.01
C ARG A 31 2.12 4.73 5.41
N ARG A 32 0.96 5.30 5.10
CA ARG A 32 -0.32 4.65 5.41
C ARG A 32 -0.49 3.37 4.60
N CYS A 33 -0.07 3.44 3.32
CA CYS A 33 -0.20 2.30 2.42
C CYS A 33 0.63 1.10 2.90
N GLU A 34 1.91 1.33 3.22
CA GLU A 34 2.78 0.26 3.73
C GLU A 34 2.33 -0.20 5.12
N GLN A 35 1.76 0.74 5.90
CA GLN A 35 1.24 0.43 7.23
C GLN A 35 0.09 -0.57 7.11
N ARG A 36 -0.78 -0.37 6.10
CA ARG A 36 -1.90 -1.24 5.85
C ARG A 36 -1.40 -2.65 5.57
N ARG A 37 -0.31 -2.76 4.78
CA ARG A 37 0.27 -4.05 4.43
C ARG A 37 0.63 -4.85 5.69
N GLN A 38 1.30 -4.18 6.64
CA GLN A 38 1.70 -4.83 7.89
C GLN A 38 0.48 -5.28 8.68
N GLN A 39 -0.55 -4.43 8.71
CA GLN A 39 -1.78 -4.72 9.45
C GLN A 39 -2.56 -5.89 8.84
N GLU A 40 -2.77 -5.86 7.52
CA GLU A 40 -3.55 -6.91 6.84
C GLU A 40 -2.80 -8.24 6.80
N GLU A 41 -1.49 -8.17 6.54
CA GLU A 41 -0.66 -9.37 6.46
C GLU A 41 -0.55 -10.07 7.82
N ARG A 42 -0.35 -9.27 8.88
CA ARG A 42 -0.18 -9.80 10.24
C ARG A 42 -1.50 -10.33 10.80
N GLU A 43 -2.62 -9.72 10.40
CA GLU A 43 -3.92 -10.21 10.81
C GLU A 43 -4.16 -11.51 10.09
N ARG A 44 -4.56 -12.54 10.84
CA ARG A 44 -4.71 -13.86 10.27
C ARG A 44 -5.70 -13.84 9.12
N GLN A 45 -5.18 -14.09 7.91
CA GLN A 45 -6.00 -14.09 6.68
C GLN A 45 -7.01 -12.94 6.65
N GLY A 1 -13.23 -2.81 -11.56
CA GLY A 1 -11.74 -2.90 -11.50
C GLY A 1 -11.27 -2.60 -10.08
N MET A 2 -11.78 -3.38 -9.12
CA MET A 2 -11.41 -3.21 -7.71
C MET A 2 -10.99 -4.58 -7.10
N PRO A 3 -9.69 -4.95 -7.18
CA PRO A 3 -9.21 -6.27 -6.63
C PRO A 3 -9.56 -6.44 -5.15
N ARG A 4 -9.99 -7.66 -4.80
CA ARG A 4 -10.36 -7.98 -3.41
C ARG A 4 -9.16 -8.48 -2.60
N ASP A 5 -8.16 -9.06 -3.29
CA ASP A 5 -6.97 -9.60 -2.65
C ASP A 5 -6.06 -8.47 -2.08
N PRO A 6 -5.60 -8.56 -0.80
CA PRO A 6 -4.72 -7.49 -0.18
C PRO A 6 -3.41 -7.24 -0.94
N GLU A 7 -2.80 -8.33 -1.47
CA GLU A 7 -1.50 -8.22 -2.17
C GLU A 7 -1.62 -7.29 -3.37
N GLN A 8 -2.67 -7.48 -4.16
CA GLN A 8 -2.92 -6.64 -5.34
C GLN A 8 -3.22 -5.20 -4.93
N ARG A 9 -3.96 -5.03 -3.82
CA ARG A 9 -4.32 -3.70 -3.33
C ARG A 9 -3.06 -2.91 -2.95
N TYR A 10 -2.12 -3.59 -2.29
CA TYR A 10 -0.86 -2.97 -1.90
C TYR A 10 -0.08 -2.50 -3.13
N GLU A 11 0.03 -3.39 -4.12
CA GLU A 11 0.74 -3.11 -5.36
C GLU A 11 0.08 -1.96 -6.12
N GLN A 12 -1.24 -2.01 -6.18
CA GLN A 12 -2.01 -0.97 -6.85
C GLN A 12 -1.86 0.37 -6.13
N CYS A 13 -1.85 0.33 -4.79
CA CYS A 13 -1.78 1.56 -4.00
C CYS A 13 -0.38 2.20 -4.04
N GLN A 14 0.68 1.36 -3.99
CA GLN A 14 2.04 1.87 -4.02
C GLN A 14 2.33 2.57 -5.35
N GLN A 15 1.74 2.06 -6.44
CA GLN A 15 1.85 2.72 -7.74
C GLN A 15 1.17 4.08 -7.67
N GLN A 16 0.01 4.12 -7.00
CA GLN A 16 -0.73 5.36 -6.83
C GLN A 16 0.10 6.36 -6.02
N CYS A 17 0.75 5.88 -4.95
CA CYS A 17 1.59 6.73 -4.12
C CYS A 17 2.73 7.33 -4.94
N GLU A 18 3.37 6.47 -5.75
CA GLU A 18 4.47 6.92 -6.62
C GLU A 18 3.99 7.98 -7.61
N ARG A 19 2.77 7.78 -8.14
CA ARG A 19 2.19 8.72 -9.11
C ARG A 19 2.02 10.11 -8.47
N GLN A 20 1.51 10.12 -7.23
CA GLN A 20 1.32 11.38 -6.49
C GLN A 20 2.66 11.95 -5.95
N ARG A 21 3.75 11.18 -6.09
CA ARG A 21 5.07 11.60 -5.58
C ARG A 21 5.39 13.04 -6.02
N ARG A 22 5.78 13.86 -5.04
CA ARG A 22 6.13 15.26 -5.27
C ARG A 22 6.77 15.88 -4.03
N GLY A 23 6.20 15.57 -2.86
CA GLY A 23 6.71 16.11 -1.59
C GLY A 23 5.85 15.64 -0.42
N GLN A 24 5.05 16.57 0.12
CA GLN A 24 4.16 16.27 1.25
C GLN A 24 3.14 15.21 0.88
N GLU A 25 2.64 15.28 -0.37
CA GLU A 25 1.65 14.31 -0.87
C GLU A 25 2.24 12.89 -0.83
N GLN A 26 3.53 12.78 -1.16
CA GLN A 26 4.22 11.48 -1.13
C GLN A 26 4.14 10.87 0.27
N THR A 27 4.31 11.71 1.28
CA THR A 27 4.27 11.25 2.68
C THR A 27 2.89 10.65 2.99
N LEU A 28 1.83 11.34 2.56
CA LEU A 28 0.45 10.90 2.82
C LEU A 28 0.16 9.51 2.20
N CYS A 29 0.53 9.34 0.92
CA CYS A 29 0.25 8.08 0.21
C CYS A 29 1.10 6.92 0.74
N ARG A 30 2.33 7.23 1.20
CA ARG A 30 3.18 6.19 1.79
C ARG A 30 2.54 5.63 3.05
N ARG A 31 1.94 6.50 3.85
CA ARG A 31 1.29 6.09 5.10
C ARG A 31 0.12 5.16 4.83
N ARG A 32 -0.69 5.47 3.81
CA ARG A 32 -1.86 4.62 3.49
C ARG A 32 -1.44 3.24 3.04
N CYS A 33 -0.43 3.18 2.16
CA CYS A 33 0.10 1.91 1.68
C CYS A 33 0.81 1.15 2.80
N GLU A 34 1.54 1.88 3.64
CA GLU A 34 2.28 1.29 4.77
C GLU A 34 1.32 0.62 5.78
N GLN A 35 0.21 1.32 6.11
CA GLN A 35 -0.76 0.80 7.09
C GLN A 35 -1.42 -0.49 6.61
N ARG A 36 -1.77 -0.54 5.33
CA ARG A 36 -2.37 -1.73 4.73
C ARG A 36 -1.36 -2.88 4.75
N ARG A 37 -0.09 -2.55 4.48
CA ARG A 37 0.98 -3.54 4.46
C ARG A 37 1.11 -4.23 5.81
N GLN A 38 1.06 -3.43 6.89
CA GLN A 38 1.17 -3.97 8.24
C GLN A 38 -0.03 -4.88 8.57
N GLN A 39 -1.23 -4.44 8.14
CA GLN A 39 -2.45 -5.19 8.41
C GLN A 39 -2.46 -6.54 7.69
N GLU A 40 -1.99 -6.55 6.44
CA GLU A 40 -1.94 -7.79 5.64
C GLU A 40 -0.85 -8.74 6.17
N GLU A 41 0.25 -8.17 6.69
CA GLU A 41 1.34 -8.96 7.25
C GLU A 41 0.86 -9.74 8.48
N ARG A 42 0.03 -9.08 9.30
CA ARG A 42 -0.51 -9.69 10.53
C ARG A 42 -1.41 -10.88 10.18
N GLU A 43 -2.07 -10.81 9.01
CA GLU A 43 -2.92 -11.90 8.55
C GLU A 43 -2.06 -13.16 8.40
N ARG A 44 -0.86 -12.97 7.82
CA ARG A 44 0.08 -14.08 7.65
C ARG A 44 1.02 -14.18 8.86
N GLN A 45 0.93 -15.31 9.57
CA GLN A 45 1.78 -15.55 10.75
C GLN A 45 1.53 -14.50 11.83
N GLY A 1 5.47 -20.83 -1.67
CA GLY A 1 4.96 -20.24 -0.40
C GLY A 1 4.51 -18.80 -0.64
N MET A 2 5.35 -18.04 -1.36
CA MET A 2 5.04 -16.64 -1.68
C MET A 2 5.25 -16.34 -3.20
N PRO A 3 4.43 -16.95 -4.10
CA PRO A 3 4.55 -16.73 -5.57
C PRO A 3 4.26 -15.28 -5.98
N ARG A 4 3.53 -14.55 -5.13
CA ARG A 4 3.17 -13.16 -5.41
C ARG A 4 4.42 -12.28 -5.52
N ASP A 5 4.47 -11.44 -6.56
CA ASP A 5 5.58 -10.54 -6.78
C ASP A 5 5.45 -9.26 -5.91
N PRO A 6 6.46 -8.88 -5.10
CA PRO A 6 6.39 -7.65 -4.24
C PRO A 6 6.08 -6.40 -5.06
N GLU A 7 6.62 -6.35 -6.28
CA GLU A 7 6.42 -5.21 -7.17
C GLU A 7 4.94 -5.01 -7.50
N GLN A 8 4.23 -6.13 -7.71
CA GLN A 8 2.80 -6.08 -8.05
C GLN A 8 1.98 -5.45 -6.93
N ARG A 9 2.31 -5.81 -5.67
CA ARG A 9 1.61 -5.25 -4.52
C ARG A 9 1.83 -3.75 -4.44
N TYR A 10 3.07 -3.34 -4.72
CA TYR A 10 3.44 -1.92 -4.72
C TYR A 10 2.69 -1.16 -5.80
N GLU A 11 2.50 -1.79 -6.97
CA GLU A 11 1.82 -1.15 -8.10
C GLU A 11 0.40 -0.75 -7.70
N GLN A 12 -0.30 -1.68 -7.03
CA GLN A 12 -1.66 -1.40 -6.54
C GLN A 12 -1.61 -0.28 -5.50
N CYS A 13 -0.57 -0.31 -4.66
CA CYS A 13 -0.35 0.71 -3.65
C CYS A 13 -0.12 2.09 -4.27
N GLN A 14 0.62 2.11 -5.38
CA GLN A 14 0.93 3.34 -6.06
C GLN A 14 -0.36 4.06 -6.47
N GLN A 15 -1.32 3.28 -6.98
CA GLN A 15 -2.60 3.83 -7.40
C GLN A 15 -3.37 4.42 -6.20
N GLN A 16 -3.32 3.70 -5.06
CA GLN A 16 -4.04 4.14 -3.85
C GLN A 16 -3.51 5.49 -3.34
N CYS A 17 -2.18 5.60 -3.18
CA CYS A 17 -1.56 6.84 -2.68
C CYS A 17 -1.72 8.00 -3.66
N GLU A 18 -1.67 7.70 -4.97
CA GLU A 18 -1.85 8.73 -6.00
C GLU A 18 -3.24 9.34 -5.92
N ARG A 19 -4.25 8.49 -5.64
CA ARG A 19 -5.62 8.95 -5.48
C ARG A 19 -5.71 9.95 -4.33
N GLN A 20 -4.99 9.64 -3.24
CA GLN A 20 -4.96 10.50 -2.06
C GLN A 20 -4.36 11.87 -2.39
N ARG A 21 -3.32 11.87 -3.24
CA ARG A 21 -2.66 13.12 -3.66
C ARG A 21 -2.03 13.86 -2.47
N ARG A 22 -0.76 13.56 -2.20
CA ARG A 22 -0.02 14.19 -1.10
C ARG A 22 1.35 14.69 -1.57
N GLY A 23 1.92 15.66 -0.83
CA GLY A 23 3.21 16.28 -1.18
C GLY A 23 4.23 15.24 -1.65
N GLN A 24 5.04 14.71 -0.71
CA GLN A 24 6.05 13.71 -1.05
C GLN A 24 5.41 12.35 -1.19
N GLU A 25 5.08 12.00 -2.44
CA GLU A 25 4.41 10.75 -2.75
C GLU A 25 5.30 9.52 -2.52
N GLN A 26 6.63 9.69 -2.65
CA GLN A 26 7.55 8.56 -2.51
C GLN A 26 7.46 7.93 -1.11
N THR A 27 7.76 8.72 -0.08
CA THR A 27 7.74 8.23 1.30
C THR A 27 6.31 7.99 1.80
N LEU A 28 5.40 8.90 1.44
CA LEU A 28 4.01 8.81 1.88
C LEU A 28 3.31 7.57 1.30
N CYS A 29 3.56 7.28 0.02
CA CYS A 29 2.92 6.14 -0.65
C CYS A 29 3.37 4.82 -0.04
N ARG A 30 4.70 4.65 0.11
CA ARG A 30 5.25 3.41 0.66
C ARG A 30 4.81 3.20 2.11
N ARG A 31 4.85 4.28 2.90
CA ARG A 31 4.49 4.19 4.33
C ARG A 31 3.00 3.92 4.54
N ARG A 32 2.15 4.61 3.76
CA ARG A 32 0.70 4.47 3.89
C ARG A 32 0.25 3.05 3.50
N CYS A 33 0.77 2.57 2.37
CA CYS A 33 0.43 1.22 1.88
C CYS A 33 0.88 0.13 2.86
N GLU A 34 2.14 0.24 3.33
CA GLU A 34 2.70 -0.76 4.25
C GLU A 34 1.90 -0.82 5.56
N GLN A 35 1.55 0.35 6.11
CA GLN A 35 0.80 0.42 7.37
C GLN A 35 -0.60 -0.17 7.25
N ARG A 36 -1.28 0.12 6.13
CA ARG A 36 -2.64 -0.37 5.91
C ARG A 36 -2.67 -1.89 5.84
N ARG A 37 -1.70 -2.47 5.11
CA ARG A 37 -1.61 -3.93 4.98
C ARG A 37 -1.39 -4.58 6.35
N GLN A 38 -0.49 -3.99 7.15
CA GLN A 38 -0.15 -4.53 8.46
C GLN A 38 -1.36 -4.54 9.41
N GLN A 39 -2.13 -3.44 9.40
CA GLN A 39 -3.30 -3.34 10.27
C GLN A 39 -4.45 -4.22 9.78
N GLU A 40 -4.66 -4.25 8.47
CA GLU A 40 -5.72 -5.06 7.87
C GLU A 40 -5.46 -6.55 8.10
N GLU A 41 -4.19 -6.95 7.95
CA GLU A 41 -3.78 -8.33 8.13
C GLU A 41 -4.01 -8.80 9.57
N ARG A 42 -3.67 -7.92 10.54
CA ARG A 42 -3.83 -8.23 11.95
C ARG A 42 -5.31 -8.35 12.33
N GLU A 43 -6.17 -7.57 11.64
CA GLU A 43 -7.60 -7.69 11.87
C GLU A 43 -8.02 -9.07 11.42
N ARG A 44 -8.73 -9.78 12.29
CA ARG A 44 -9.10 -11.16 12.00
C ARG A 44 -9.74 -11.31 10.63
N GLN A 45 -9.12 -12.17 9.80
CA GLN A 45 -9.61 -12.40 8.43
C GLN A 45 -11.11 -12.70 8.43
N GLY A 1 -0.04 -20.14 2.09
CA GLY A 1 0.30 -20.90 0.86
C GLY A 1 -0.16 -20.14 -0.37
N MET A 2 0.40 -18.94 -0.55
CA MET A 2 0.06 -18.08 -1.69
C MET A 2 1.33 -17.51 -2.37
N PRO A 3 1.30 -17.26 -3.71
CA PRO A 3 2.50 -16.73 -4.44
C PRO A 3 2.62 -15.19 -4.37
N ARG A 4 1.67 -14.47 -5.03
CA ARG A 4 1.66 -12.98 -5.09
C ARG A 4 3.04 -12.34 -4.92
N ASP A 5 3.64 -11.94 -6.06
CA ASP A 5 4.97 -11.33 -6.05
C ASP A 5 4.93 -9.95 -5.34
N PRO A 6 6.03 -9.54 -4.67
CA PRO A 6 6.08 -8.22 -3.94
C PRO A 6 5.72 -7.04 -4.85
N GLU A 7 6.14 -7.13 -6.12
CA GLU A 7 5.90 -6.06 -7.09
C GLU A 7 4.40 -5.82 -7.31
N GLN A 8 3.60 -6.88 -7.20
CA GLN A 8 2.14 -6.78 -7.39
C GLN A 8 1.53 -5.87 -6.32
N ARG A 9 1.98 -6.06 -5.08
CA ARG A 9 1.49 -5.27 -3.95
C ARG A 9 1.87 -3.80 -4.12
N TYR A 10 3.10 -3.55 -4.59
CA TYR A 10 3.58 -2.19 -4.84
C TYR A 10 2.71 -1.50 -5.91
N GLU A 11 2.28 -2.29 -6.90
CA GLU A 11 1.42 -1.76 -7.96
C GLU A 11 0.13 -1.21 -7.34
N GLN A 12 -0.42 -1.97 -6.37
CA GLN A 12 -1.59 -1.55 -5.63
C GLN A 12 -1.29 -0.27 -4.84
N CYS A 13 -0.07 -0.18 -4.28
CA CYS A 13 0.35 0.99 -3.52
C CYS A 13 0.28 2.25 -4.37
N GLN A 14 0.80 2.17 -5.59
CA GLN A 14 0.82 3.33 -6.48
C GLN A 14 -0.60 3.83 -6.74
N GLN A 15 -1.52 2.90 -7.03
CA GLN A 15 -2.91 3.26 -7.28
C GLN A 15 -3.60 3.83 -6.02
N GLN A 16 -3.39 3.16 -4.87
CA GLN A 16 -4.02 3.57 -3.61
C GLN A 16 -3.51 4.93 -3.12
N CYS A 17 -2.19 5.06 -3.05
CA CYS A 17 -1.57 6.30 -2.58
C CYS A 17 -1.88 7.51 -3.48
N GLU A 18 -1.75 7.32 -4.80
CA GLU A 18 -1.97 8.41 -5.77
C GLU A 18 -3.39 8.96 -5.67
N ARG A 19 -4.37 8.06 -5.52
CA ARG A 19 -5.77 8.47 -5.40
C ARG A 19 -5.99 9.30 -4.13
N GLN A 20 -5.32 8.89 -3.03
CA GLN A 20 -5.50 9.56 -1.73
C GLN A 20 -5.04 11.03 -1.74
N ARG A 21 -3.86 11.30 -2.32
CA ARG A 21 -3.30 12.68 -2.34
C ARG A 21 -2.02 12.79 -3.17
N ARG A 22 -1.50 14.02 -3.29
CA ARG A 22 -0.27 14.29 -4.05
C ARG A 22 0.71 15.16 -3.25
N GLY A 23 2.01 15.03 -3.57
CA GLY A 23 3.07 15.80 -2.88
C GLY A 23 3.85 14.90 -1.93
N GLN A 24 5.20 14.99 -1.96
CA GLN A 24 6.06 14.14 -1.10
C GLN A 24 5.59 12.67 -1.23
N GLU A 25 5.32 12.29 -2.47
CA GLU A 25 4.71 10.99 -2.78
C GLU A 25 5.59 9.79 -2.40
N GLN A 26 6.89 9.87 -2.67
CA GLN A 26 7.78 8.70 -2.43
C GLN A 26 7.80 8.28 -0.97
N THR A 27 8.03 9.24 -0.07
CA THR A 27 8.10 8.94 1.37
C THR A 27 6.73 8.66 1.96
N LEU A 28 5.74 9.48 1.57
CA LEU A 28 4.38 9.33 2.10
C LEU A 28 3.70 8.05 1.62
N CYS A 29 3.89 7.71 0.34
CA CYS A 29 3.24 6.52 -0.23
C CYS A 29 3.78 5.25 0.38
N ARG A 30 5.10 5.18 0.56
CA ARG A 30 5.73 3.99 1.12
C ARG A 30 5.25 3.75 2.56
N ARG A 31 5.20 4.83 3.34
CA ARG A 31 4.74 4.74 4.73
C ARG A 31 3.24 4.46 4.82
N ARG A 32 2.46 5.16 3.99
CA ARG A 32 1.01 5.04 4.00
C ARG A 32 0.56 3.65 3.58
N CYS A 33 1.16 3.13 2.50
CA CYS A 33 0.81 1.79 1.98
C CYS A 33 1.15 0.73 3.01
N GLU A 34 2.30 0.89 3.67
CA GLU A 34 2.76 -0.06 4.69
C GLU A 34 1.75 -0.11 5.84
N GLN A 35 1.28 1.07 6.26
CA GLN A 35 0.30 1.17 7.35
C GLN A 35 -1.00 0.48 6.95
N ARG A 36 -1.43 0.70 5.69
CA ARG A 36 -2.63 0.10 5.17
C ARG A 36 -2.49 -1.41 5.19
N ARG A 37 -1.33 -1.89 4.74
CA ARG A 37 -1.01 -3.31 4.70
C ARG A 37 -1.06 -3.90 6.11
N GLN A 38 -0.50 -3.17 7.08
CA GLN A 38 -0.49 -3.62 8.47
C GLN A 38 -1.92 -3.76 8.99
N GLN A 39 -2.77 -2.79 8.64
CA GLN A 39 -4.18 -2.81 9.04
C GLN A 39 -4.90 -4.00 8.40
N GLU A 40 -4.58 -4.28 7.13
CA GLU A 40 -5.21 -5.38 6.40
C GLU A 40 -4.89 -6.74 7.01
N GLU A 41 -3.62 -6.94 7.41
CA GLU A 41 -3.19 -8.22 7.98
C GLU A 41 -3.71 -8.45 9.40
N ARG A 42 -3.94 -7.36 10.15
CA ARG A 42 -4.41 -7.45 11.53
C ARG A 42 -5.84 -7.96 11.59
N GLU A 43 -6.63 -7.69 10.53
CA GLU A 43 -7.98 -8.23 10.44
C GLU A 43 -7.87 -9.74 10.42
N ARG A 44 -8.56 -10.40 11.35
CA ARG A 44 -8.43 -11.85 11.48
C ARG A 44 -8.67 -12.55 10.15
N GLN A 45 -7.65 -13.27 9.68
CA GLN A 45 -7.71 -14.00 8.42
C GLN A 45 -8.34 -15.38 8.62
N GLY A 1 -0.92 -17.73 4.53
CA GLY A 1 0.49 -17.68 4.05
C GLY A 1 0.70 -16.39 3.24
N MET A 2 0.22 -15.27 3.80
CA MET A 2 0.35 -13.97 3.14
C MET A 2 -0.17 -14.03 1.66
N PRO A 3 -1.51 -14.16 1.47
CA PRO A 3 -2.11 -14.26 0.09
C PRO A 3 -1.76 -13.06 -0.79
N ARG A 4 -1.59 -13.32 -2.11
CA ARG A 4 -1.22 -12.26 -3.09
C ARG A 4 0.26 -11.93 -2.98
N ASP A 5 0.94 -11.86 -4.14
CA ASP A 5 2.39 -11.59 -4.17
C ASP A 5 2.69 -10.13 -3.76
N PRO A 6 3.87 -9.86 -3.14
CA PRO A 6 4.24 -8.46 -2.68
C PRO A 6 4.23 -7.46 -3.83
N GLU A 7 4.65 -7.90 -5.02
CA GLU A 7 4.71 -7.03 -6.19
C GLU A 7 3.34 -6.49 -6.55
N GLN A 8 2.33 -7.36 -6.46
CA GLN A 8 0.96 -6.98 -6.76
C GLN A 8 0.47 -5.91 -5.77
N ARG A 9 0.84 -6.08 -4.49
CA ARG A 9 0.46 -5.14 -3.44
C ARG A 9 1.09 -3.77 -3.69
N TYR A 10 2.36 -3.77 -4.12
CA TYR A 10 3.08 -2.53 -4.41
C TYR A 10 2.43 -1.78 -5.57
N GLU A 11 1.98 -2.53 -6.58
CA GLU A 11 1.31 -1.93 -7.74
C GLU A 11 0.05 -1.18 -7.29
N GLN A 12 -0.67 -1.80 -6.34
CA GLN A 12 -1.84 -1.17 -5.76
C GLN A 12 -1.45 0.10 -5.01
N CYS A 13 -0.29 0.04 -4.32
CA CYS A 13 0.20 1.19 -3.57
C CYS A 13 0.44 2.38 -4.50
N GLN A 14 1.11 2.14 -5.62
CA GLN A 14 1.45 3.20 -6.57
C GLN A 14 0.17 3.89 -7.10
N GLN A 15 -0.84 3.09 -7.45
CA GLN A 15 -2.09 3.64 -7.97
C GLN A 15 -2.79 4.52 -6.92
N GLN A 16 -2.84 4.01 -5.68
CA GLN A 16 -3.48 4.72 -4.57
C GLN A 16 -2.72 6.00 -4.22
N CYS A 17 -1.39 5.92 -4.25
CA CYS A 17 -0.53 7.05 -3.90
C CYS A 17 -0.75 8.24 -4.83
N GLU A 18 -0.84 7.95 -6.14
CA GLU A 18 -1.06 8.98 -7.15
C GLU A 18 -2.41 9.65 -6.95
N ARG A 19 -3.42 8.84 -6.64
CA ARG A 19 -4.79 9.32 -6.46
C ARG A 19 -4.86 10.36 -5.32
N GLN A 20 -4.22 10.04 -4.18
CA GLN A 20 -4.26 10.94 -3.01
C GLN A 20 -3.62 12.29 -3.33
N ARG A 21 -2.45 12.25 -3.98
CA ARG A 21 -1.71 13.47 -4.39
C ARG A 21 -1.84 14.64 -3.37
N ARG A 22 -1.06 14.59 -2.26
CA ARG A 22 -1.09 15.67 -1.25
C ARG A 22 0.33 16.10 -0.80
N GLY A 23 0.98 15.27 0.05
CA GLY A 23 2.31 15.58 0.59
C GLY A 23 3.41 14.94 -0.24
N GLN A 24 4.61 14.82 0.36
CA GLN A 24 5.75 14.21 -0.31
C GLN A 24 5.41 12.77 -0.67
N GLU A 25 5.73 12.39 -1.91
CA GLU A 25 5.37 11.06 -2.42
C GLU A 25 6.12 9.93 -1.72
N GLN A 26 7.43 10.10 -1.49
CA GLN A 26 8.24 9.03 -0.87
C GLN A 26 7.75 8.67 0.53
N THR A 27 7.52 9.70 1.37
CA THR A 27 7.08 9.49 2.75
C THR A 27 5.61 9.11 2.83
N LEU A 28 4.77 9.87 2.10
CA LEU A 28 3.32 9.64 2.13
C LEU A 28 2.97 8.28 1.53
N CYS A 29 3.54 7.97 0.37
CA CYS A 29 3.22 6.72 -0.34
C CYS A 29 3.64 5.49 0.46
N ARG A 30 4.88 5.51 0.98
CA ARG A 30 5.40 4.38 1.74
C ARG A 30 4.54 4.11 2.97
N ARG A 31 4.13 5.18 3.64
CA ARG A 31 3.34 5.07 4.86
C ARG A 31 1.90 4.59 4.58
N ARG A 32 1.29 5.09 3.49
CA ARG A 32 -0.11 4.75 3.16
C ARG A 32 -0.35 3.26 2.90
N CYS A 33 0.51 2.63 2.07
CA CYS A 33 0.32 1.20 1.74
C CYS A 33 0.88 0.28 2.80
N GLU A 34 1.97 0.70 3.45
CA GLU A 34 2.56 -0.11 4.53
C GLU A 34 1.58 -0.24 5.69
N GLN A 35 0.90 0.86 6.02
CA GLN A 35 -0.10 0.86 7.09
C GLN A 35 -1.30 -0.01 6.73
N ARG A 36 -1.74 0.09 5.47
CA ARG A 36 -2.87 -0.69 4.99
C ARG A 36 -2.55 -2.18 5.03
N ARG A 37 -1.33 -2.52 4.58
CA ARG A 37 -0.88 -3.92 4.54
C ARG A 37 -0.88 -4.51 5.94
N GLN A 38 -0.33 -3.76 6.91
CA GLN A 38 -0.32 -4.19 8.31
C GLN A 38 -1.75 -4.25 8.85
N GLN A 39 -2.56 -3.26 8.44
CA GLN A 39 -3.94 -3.15 8.88
C GLN A 39 -4.73 -4.39 8.48
N GLU A 40 -4.53 -4.84 7.24
CA GLU A 40 -5.18 -6.05 6.74
C GLU A 40 -4.51 -7.32 7.32
N GLU A 41 -3.22 -7.21 7.65
CA GLU A 41 -2.46 -8.31 8.24
C GLU A 41 -3.04 -8.68 9.62
N ARG A 42 -3.48 -7.65 10.36
CA ARG A 42 -4.06 -7.84 11.69
C ARG A 42 -5.36 -8.62 11.63
N GLU A 43 -6.08 -8.49 10.49
CA GLU A 43 -7.31 -9.26 10.30
C GLU A 43 -6.98 -10.74 10.35
N ARG A 44 -5.85 -11.11 9.71
CA ARG A 44 -5.39 -12.48 9.71
C ARG A 44 -4.48 -12.74 10.91
N GLN A 45 -4.95 -13.60 11.82
CA GLN A 45 -4.19 -13.93 13.03
C GLN A 45 -2.92 -14.70 12.70
N GLY A 1 6.24 -21.64 -10.59
CA GLY A 1 6.62 -20.24 -10.26
C GLY A 1 5.49 -19.60 -9.46
N MET A 2 5.07 -20.27 -8.38
CA MET A 2 4.00 -19.75 -7.52
C MET A 2 4.37 -18.38 -6.89
N PRO A 3 5.61 -18.19 -6.36
CA PRO A 3 6.02 -16.87 -5.76
C PRO A 3 5.93 -15.74 -6.78
N ARG A 4 5.64 -14.52 -6.30
CA ARG A 4 5.49 -13.36 -7.18
C ARG A 4 6.43 -12.22 -6.76
N ASP A 5 6.72 -11.33 -7.71
CA ASP A 5 7.64 -10.21 -7.47
C ASP A 5 7.01 -9.14 -6.53
N PRO A 6 7.83 -8.34 -5.81
CA PRO A 6 7.31 -7.27 -4.89
C PRO A 6 6.68 -6.07 -5.64
N GLU A 7 6.97 -5.98 -6.95
CA GLU A 7 6.47 -4.88 -7.77
C GLU A 7 4.94 -4.84 -7.77
N GLN A 8 4.32 -6.02 -7.83
CA GLN A 8 2.85 -6.12 -7.85
C GLN A 8 2.25 -5.55 -6.56
N ARG A 9 2.88 -5.85 -5.43
CA ARG A 9 2.41 -5.37 -4.13
C ARG A 9 2.39 -3.84 -4.11
N TYR A 10 3.48 -3.23 -4.57
CA TYR A 10 3.59 -1.77 -4.65
C TYR A 10 2.66 -1.19 -5.71
N GLU A 11 2.40 -1.97 -6.78
CA GLU A 11 1.51 -1.52 -7.85
C GLU A 11 0.13 -1.20 -7.26
N GLN A 12 -0.34 -2.10 -6.39
CA GLN A 12 -1.60 -1.90 -5.69
C GLN A 12 -1.51 -0.67 -4.79
N CYS A 13 -0.34 -0.50 -4.14
CA CYS A 13 -0.09 0.65 -3.29
C CYS A 13 -0.14 1.95 -4.07
N GLN A 14 0.41 1.93 -5.29
CA GLN A 14 0.46 3.12 -6.14
C GLN A 14 -0.95 3.61 -6.44
N GLN A 15 -1.87 2.67 -6.73
CA GLN A 15 -3.25 3.03 -7.02
C GLN A 15 -3.88 3.72 -5.81
N GLN A 16 -3.61 3.15 -4.62
CA GLN A 16 -4.11 3.73 -3.36
C GLN A 16 -3.47 5.10 -3.11
N CYS A 17 -2.16 5.20 -3.43
CA CYS A 17 -1.42 6.45 -3.25
C CYS A 17 -2.03 7.57 -4.09
N GLU A 18 -2.42 7.23 -5.32
CA GLU A 18 -3.03 8.19 -6.23
C GLU A 18 -4.34 8.71 -5.64
N ARG A 19 -5.09 7.80 -5.00
CA ARG A 19 -6.35 8.16 -4.36
C ARG A 19 -6.11 9.21 -3.27
N GLN A 20 -5.01 9.04 -2.52
CA GLN A 20 -4.66 9.94 -1.41
C GLN A 20 -4.44 11.37 -1.93
N ARG A 21 -3.78 11.50 -3.10
CA ARG A 21 -3.53 12.81 -3.71
C ARG A 21 -2.68 13.72 -2.78
N ARG A 22 -1.63 13.15 -2.20
CA ARG A 22 -0.74 13.89 -1.30
C ARG A 22 0.70 13.90 -1.83
N GLY A 23 1.36 15.06 -1.69
CA GLY A 23 2.73 15.24 -2.19
C GLY A 23 3.71 14.34 -1.45
N GLN A 24 4.94 14.24 -1.97
CA GLN A 24 5.95 13.35 -1.38
C GLN A 24 5.41 11.92 -1.35
N GLU A 25 4.76 11.54 -2.45
CA GLU A 25 4.10 10.24 -2.58
C GLU A 25 5.07 9.07 -2.41
N GLN A 26 6.26 9.17 -3.01
CA GLN A 26 7.21 8.05 -3.00
C GLN A 26 7.45 7.52 -1.57
N THR A 27 8.02 8.35 -0.69
CA THR A 27 8.34 7.91 0.67
C THR A 27 7.14 7.95 1.62
N LEU A 28 6.36 9.03 1.52
CA LEU A 28 5.22 9.24 2.41
C LEU A 28 4.10 8.23 2.15
N CYS A 29 3.81 7.97 0.85
CA CYS A 29 2.73 7.04 0.49
C CYS A 29 3.16 5.58 0.61
N ARG A 30 4.45 5.28 0.29
CA ARG A 30 4.95 3.90 0.38
C ARG A 30 4.79 3.41 1.82
N ARG A 31 5.19 4.27 2.77
CA ARG A 31 5.05 3.96 4.18
C ARG A 31 3.56 3.83 4.55
N ARG A 32 2.74 4.74 4.01
CA ARG A 32 1.29 4.76 4.30
C ARG A 32 0.61 3.44 3.86
N CYS A 33 0.90 3.01 2.63
CA CYS A 33 0.31 1.77 2.10
C CYS A 33 0.74 0.57 2.92
N GLU A 34 2.04 0.53 3.26
CA GLU A 34 2.59 -0.59 4.03
C GLU A 34 1.93 -0.71 5.41
N GLN A 35 1.75 0.43 6.10
CA GLN A 35 1.14 0.42 7.44
C GLN A 35 -0.31 -0.08 7.36
N ARG A 36 -1.04 0.43 6.36
CA ARG A 36 -2.41 0.04 6.12
C ARG A 36 -2.50 -1.44 5.76
N ARG A 37 -1.58 -1.92 4.92
CA ARG A 37 -1.58 -3.32 4.50
C ARG A 37 -1.44 -4.25 5.69
N GLN A 38 -0.50 -3.94 6.58
CA GLN A 38 -0.32 -4.73 7.81
C GLN A 38 -1.57 -4.61 8.68
N GLN A 39 -2.14 -3.40 8.72
CA GLN A 39 -3.34 -3.11 9.49
C GLN A 39 -4.52 -3.95 9.01
N GLU A 40 -4.66 -4.09 7.69
CA GLU A 40 -5.75 -4.87 7.10
C GLU A 40 -5.64 -6.34 7.48
N GLU A 41 -4.40 -6.85 7.50
CA GLU A 41 -4.14 -8.25 7.84
C GLU A 41 -4.54 -8.53 9.30
N ARG A 42 -4.23 -7.58 10.19
CA ARG A 42 -4.52 -7.72 11.61
C ARG A 42 -6.03 -7.79 11.88
N GLU A 43 -6.84 -7.13 11.01
CA GLU A 43 -8.30 -7.19 11.16
C GLU A 43 -8.73 -8.64 11.15
N ARG A 44 -9.11 -9.15 12.33
CA ARG A 44 -9.44 -10.56 12.47
C ARG A 44 -10.41 -11.03 11.38
N GLN A 45 -9.94 -12.01 10.60
CA GLN A 45 -10.73 -12.56 9.48
C GLN A 45 -11.06 -11.48 8.45
N GLY A 1 2.23 -20.91 -7.89
CA GLY A 1 1.75 -19.66 -7.24
C GLY A 1 0.50 -19.96 -6.43
N MET A 2 0.40 -19.33 -5.26
CA MET A 2 -0.74 -19.53 -4.36
C MET A 2 -0.70 -18.51 -3.17
N PRO A 3 0.44 -18.38 -2.45
CA PRO A 3 0.57 -17.40 -1.31
C PRO A 3 0.28 -15.96 -1.74
N ARG A 4 0.49 -15.67 -3.04
CA ARG A 4 0.30 -14.31 -3.60
C ARG A 4 1.46 -13.41 -3.21
N ASP A 5 2.25 -13.01 -4.22
CA ASP A 5 3.44 -12.20 -3.99
C ASP A 5 3.09 -10.75 -3.57
N PRO A 6 3.99 -10.05 -2.83
CA PRO A 6 3.74 -8.65 -2.34
C PRO A 6 3.83 -7.58 -3.44
N GLU A 7 4.44 -7.95 -4.59
CA GLU A 7 4.63 -6.99 -5.69
C GLU A 7 3.30 -6.46 -6.22
N GLN A 8 2.30 -7.34 -6.32
CA GLN A 8 0.97 -6.94 -6.81
C GLN A 8 0.36 -5.89 -5.87
N ARG A 9 0.51 -6.12 -4.57
CA ARG A 9 0.04 -5.18 -3.55
C ARG A 9 0.79 -3.85 -3.66
N TYR A 10 2.11 -3.95 -3.87
CA TYR A 10 2.98 -2.78 -4.01
C TYR A 10 2.51 -1.91 -5.19
N GLU A 11 2.13 -2.58 -6.28
CA GLU A 11 1.66 -1.90 -7.49
C GLU A 11 0.40 -1.08 -7.15
N GLN A 12 -0.46 -1.66 -6.31
CA GLN A 12 -1.67 -0.97 -5.86
C GLN A 12 -1.30 0.32 -5.13
N CYS A 13 -0.22 0.26 -4.33
CA CYS A 13 0.25 1.43 -3.59
C CYS A 13 0.60 2.57 -4.54
N GLN A 14 1.34 2.24 -5.61
CA GLN A 14 1.77 3.25 -6.56
C GLN A 14 0.58 3.97 -7.17
N GLN A 15 -0.45 3.20 -7.57
CA GLN A 15 -1.64 3.79 -8.17
C GLN A 15 -2.42 4.62 -7.15
N GLN A 16 -2.60 4.09 -5.93
CA GLN A 16 -3.36 4.80 -4.89
C GLN A 16 -2.65 6.09 -4.46
N CYS A 17 -1.35 5.98 -4.16
CA CYS A 17 -0.56 7.13 -3.72
C CYS A 17 -0.46 8.22 -4.78
N GLU A 18 -0.26 7.82 -6.05
CA GLU A 18 -0.14 8.80 -7.15
C GLU A 18 -1.42 9.62 -7.29
N ARG A 19 -2.57 8.94 -7.15
CA ARG A 19 -3.87 9.61 -7.27
C ARG A 19 -4.04 10.67 -6.18
N GLN A 20 -3.63 10.35 -4.96
CA GLN A 20 -3.76 11.28 -3.82
C GLN A 20 -2.90 12.54 -4.06
N ARG A 21 -1.64 12.33 -4.49
CA ARG A 21 -0.70 13.43 -4.79
C ARG A 21 0.68 12.87 -5.14
N ARG A 22 1.53 13.70 -5.77
CA ARG A 22 2.88 13.28 -6.13
C ARG A 22 3.93 14.23 -5.54
N GLY A 23 5.00 13.65 -4.97
CA GLY A 23 6.09 14.43 -4.38
C GLY A 23 5.86 14.68 -2.89
N GLN A 24 6.85 14.31 -2.06
CA GLN A 24 6.78 14.50 -0.60
C GLN A 24 5.67 13.65 0.03
N GLU A 25 4.41 14.03 -0.23
CA GLU A 25 3.26 13.30 0.30
C GLU A 25 3.27 11.85 -0.20
N GLN A 26 3.69 11.66 -1.45
CA GLN A 26 3.74 10.33 -2.06
C GLN A 26 4.67 9.40 -1.26
N THR A 27 5.81 9.94 -0.81
CA THR A 27 6.78 9.17 -0.03
C THR A 27 6.11 8.68 1.28
N LEU A 28 5.44 9.62 1.96
CA LEU A 28 4.74 9.30 3.20
C LEU A 28 3.61 8.29 2.92
N CYS A 29 2.95 8.47 1.78
CA CYS A 29 1.88 7.58 1.34
C CYS A 29 2.39 6.17 1.14
N ARG A 30 3.60 6.05 0.56
CA ARG A 30 4.20 4.74 0.30
C ARG A 30 4.30 3.96 1.62
N ARG A 31 4.76 4.65 2.67
CA ARG A 31 4.83 4.05 3.99
C ARG A 31 3.43 3.64 4.47
N ARG A 32 2.42 4.48 4.15
CA ARG A 32 1.03 4.21 4.54
C ARG A 32 0.54 2.88 3.95
N CYS A 33 0.88 2.63 2.68
CA CYS A 33 0.45 1.38 2.03
C CYS A 33 1.00 0.18 2.81
N GLU A 34 2.27 0.30 3.22
CA GLU A 34 2.95 -0.79 3.95
C GLU A 34 2.29 -1.11 5.31
N GLN A 35 1.94 -0.07 6.09
CA GLN A 35 1.30 -0.29 7.41
C GLN A 35 -0.12 -0.81 7.26
N ARG A 36 -0.80 -0.40 6.18
CA ARG A 36 -2.14 -0.86 5.88
C ARG A 36 -2.10 -2.38 5.63
N ARG A 37 -1.08 -2.85 4.91
CA ARG A 37 -0.95 -4.28 4.59
C ARG A 37 -0.81 -5.09 5.87
N GLN A 38 0.02 -4.60 6.79
CA GLN A 38 0.21 -5.25 8.10
C GLN A 38 -1.09 -5.17 8.91
N GLN A 39 -1.74 -4.01 8.83
CA GLN A 39 -2.98 -3.74 9.55
C GLN A 39 -4.10 -4.70 9.10
N GLU A 40 -4.20 -4.88 7.79
CA GLU A 40 -5.20 -5.78 7.20
C GLU A 40 -4.90 -7.24 7.56
N GLU A 41 -3.62 -7.58 7.56
CA GLU A 41 -3.17 -8.94 7.85
C GLU A 41 -3.56 -9.34 9.28
N ARG A 42 -3.39 -8.42 10.23
CA ARG A 42 -3.70 -8.70 11.64
C ARG A 42 -5.20 -8.65 11.90
N GLU A 43 -5.92 -7.82 11.13
CA GLU A 43 -7.37 -7.73 11.26
C GLU A 43 -8.00 -9.03 10.74
N ARG A 44 -7.51 -9.47 9.58
CA ARG A 44 -7.98 -10.70 8.96
C ARG A 44 -7.10 -11.88 9.36
N GLN A 45 -7.67 -12.82 10.13
CA GLN A 45 -6.93 -14.02 10.56
C GLN A 45 -6.32 -14.74 9.36
N GLY A 1 -0.62 -18.11 5.69
CA GLY A 1 -0.63 -18.58 4.28
C GLY A 1 -0.73 -17.38 3.34
N MET A 2 0.35 -17.14 2.57
CA MET A 2 0.38 -16.03 1.62
C MET A 2 0.86 -16.52 0.23
N PRO A 3 -0.03 -17.14 -0.59
CA PRO A 3 0.35 -17.63 -1.95
C PRO A 3 0.37 -16.50 -2.99
N ARG A 4 1.01 -15.38 -2.63
CA ARG A 4 1.14 -14.24 -3.53
C ARG A 4 2.34 -13.37 -3.12
N ASP A 5 2.89 -12.62 -4.09
CA ASP A 5 4.04 -11.76 -3.84
C ASP A 5 3.61 -10.41 -3.22
N PRO A 6 4.44 -9.79 -2.34
CA PRO A 6 4.11 -8.45 -1.72
C PRO A 6 4.20 -7.30 -2.72
N GLU A 7 4.93 -7.53 -3.83
CA GLU A 7 5.14 -6.52 -4.86
C GLU A 7 3.81 -6.10 -5.49
N GLN A 8 2.92 -7.08 -5.69
CA GLN A 8 1.62 -6.81 -6.31
C GLN A 8 0.81 -5.82 -5.46
N ARG A 9 0.88 -5.99 -4.13
CA ARG A 9 0.16 -5.11 -3.22
C ARG A 9 0.68 -3.68 -3.34
N TYR A 10 2.01 -3.54 -3.47
CA TYR A 10 2.63 -2.23 -3.64
C TYR A 10 2.23 -1.57 -4.96
N GLU A 11 2.00 -2.39 -6.01
CA GLU A 11 1.56 -1.84 -7.30
C GLU A 11 0.25 -1.10 -7.10
N GLN A 12 -0.64 -1.69 -6.29
CA GLN A 12 -1.89 -1.04 -5.92
C GLN A 12 -1.61 0.23 -5.10
N CYS A 13 -0.58 0.15 -4.22
CA CYS A 13 -0.19 1.30 -3.39
C CYS A 13 0.25 2.47 -4.26
N GLN A 14 0.98 2.15 -5.34
CA GLN A 14 1.45 3.17 -6.28
C GLN A 14 0.26 3.91 -6.88
N GLN A 15 -0.81 3.15 -7.20
CA GLN A 15 -2.02 3.73 -7.75
C GLN A 15 -2.62 4.73 -6.75
N GLN A 16 -2.60 4.36 -5.46
CA GLN A 16 -3.11 5.24 -4.41
C GLN A 16 -2.21 6.48 -4.27
N CYS A 17 -0.88 6.26 -4.33
CA CYS A 17 0.09 7.36 -4.20
C CYS A 17 -0.07 8.40 -5.30
N GLU A 18 -0.18 7.93 -6.56
CA GLU A 18 -0.32 8.85 -7.70
C GLU A 18 -1.71 9.48 -7.74
N ARG A 19 -2.70 8.79 -7.16
CA ARG A 19 -4.07 9.31 -7.09
C ARG A 19 -4.08 10.63 -6.31
N GLN A 20 -3.40 10.62 -5.16
CA GLN A 20 -3.30 11.82 -4.32
C GLN A 20 -2.52 12.92 -5.02
N ARG A 21 -1.44 12.52 -5.71
CA ARG A 21 -0.57 13.46 -6.44
C ARG A 21 -0.29 14.76 -5.66
N ARG A 22 0.56 14.65 -4.63
CA ARG A 22 0.96 15.81 -3.81
C ARG A 22 2.46 15.75 -3.51
N GLY A 23 3.05 16.90 -3.15
CA GLY A 23 4.49 16.97 -2.87
C GLY A 23 4.86 16.11 -1.66
N GLN A 24 5.98 15.38 -1.78
CA GLN A 24 6.45 14.48 -0.70
C GLN A 24 5.37 13.48 -0.27
N GLU A 25 4.32 13.34 -1.08
CA GLU A 25 3.23 12.41 -0.80
C GLU A 25 3.63 10.97 -1.15
N GLN A 26 4.58 10.82 -2.10
CA GLN A 26 5.02 9.50 -2.52
C GLN A 26 5.68 8.74 -1.35
N THR A 27 6.52 9.45 -0.59
CA THR A 27 7.18 8.86 0.58
C THR A 27 6.16 8.63 1.72
N LEU A 28 5.32 9.64 1.96
CA LEU A 28 4.32 9.57 3.02
C LEU A 28 3.34 8.42 2.79
N CYS A 29 2.86 8.29 1.54
CA CYS A 29 1.90 7.26 1.18
C CYS A 29 2.51 5.86 1.19
N ARG A 30 3.82 5.78 0.89
CA ARG A 30 4.50 4.48 0.86
C ARG A 30 4.42 3.84 2.24
N ARG A 31 4.75 4.62 3.27
CA ARG A 31 4.72 4.14 4.64
C ARG A 31 3.28 3.79 5.06
N ARG A 32 2.32 4.64 4.67
CA ARG A 32 0.91 4.45 5.06
C ARG A 32 0.23 3.26 4.35
N CYS A 33 0.50 3.09 3.03
CA CYS A 33 -0.16 2.03 2.26
C CYS A 33 0.27 0.64 2.72
N GLU A 34 1.60 0.42 2.82
CA GLU A 34 2.11 -0.88 3.26
C GLU A 34 1.79 -1.16 4.72
N GLN A 35 1.91 -0.12 5.56
CA GLN A 35 1.65 -0.26 7.00
C GLN A 35 0.19 -0.68 7.25
N ARG A 36 -0.74 0.03 6.60
CA ARG A 36 -2.17 -0.27 6.74
C ARG A 36 -2.51 -1.62 6.13
N ARG A 37 -1.89 -1.92 4.99
CA ARG A 37 -2.15 -3.17 4.28
C ARG A 37 -1.81 -4.36 5.18
N GLN A 38 -0.68 -4.26 5.88
CA GLN A 38 -0.25 -5.30 6.81
C GLN A 38 -1.29 -5.44 7.93
N GLN A 39 -1.81 -4.30 8.40
CA GLN A 39 -2.82 -4.27 9.45
C GLN A 39 -4.11 -4.95 8.98
N GLU A 40 -4.46 -4.73 7.71
CA GLU A 40 -5.70 -5.30 7.15
C GLU A 40 -5.66 -6.83 7.17
N GLU A 41 -4.50 -7.42 6.82
CA GLU A 41 -4.37 -8.89 6.75
C GLU A 41 -4.12 -9.54 8.11
N ARG A 42 -3.40 -8.84 9.01
CA ARG A 42 -3.09 -9.38 10.35
C ARG A 42 -4.35 -9.46 11.23
N GLU A 43 -5.32 -8.59 10.95
CA GLU A 43 -6.59 -8.62 11.66
C GLU A 43 -7.27 -9.96 11.39
N ARG A 44 -7.17 -10.44 10.14
CA ARG A 44 -7.71 -11.73 9.76
C ARG A 44 -6.68 -12.83 9.97
N GLN A 45 -7.00 -13.78 10.85
CA GLN A 45 -6.11 -14.90 11.15
C GLN A 45 -5.89 -15.77 9.92
N GLY A 1 -18.84 -14.02 -4.96
CA GLY A 1 -18.38 -12.79 -5.67
C GLY A 1 -18.10 -11.69 -4.66
N MET A 2 -16.82 -11.37 -4.48
CA MET A 2 -16.41 -10.33 -3.53
C MET A 2 -15.24 -9.48 -4.11
N PRO A 3 -14.99 -8.26 -3.57
CA PRO A 3 -13.88 -7.37 -4.05
C PRO A 3 -12.51 -8.06 -3.92
N ARG A 4 -11.60 -7.69 -4.82
CA ARG A 4 -10.25 -8.27 -4.84
C ARG A 4 -9.59 -8.14 -3.48
N ASP A 5 -8.51 -8.91 -3.27
CA ASP A 5 -7.79 -8.92 -2.00
C ASP A 5 -7.05 -7.58 -1.75
N PRO A 6 -6.81 -7.20 -0.48
CA PRO A 6 -6.08 -5.92 -0.14
C PRO A 6 -4.72 -5.83 -0.83
N GLU A 7 -4.14 -6.99 -1.15
CA GLU A 7 -2.82 -7.04 -1.80
C GLU A 7 -2.85 -6.29 -3.13
N GLN A 8 -3.94 -6.47 -3.88
CA GLN A 8 -4.10 -5.79 -5.18
C GLN A 8 -4.09 -4.27 -4.97
N ARG A 9 -4.81 -3.83 -3.92
CA ARG A 9 -4.89 -2.41 -3.58
C ARG A 9 -3.50 -1.86 -3.24
N TYR A 10 -2.73 -2.66 -2.48
CA TYR A 10 -1.39 -2.27 -2.06
C TYR A 10 -0.47 -2.01 -3.27
N GLU A 11 -0.45 -2.96 -4.21
CA GLU A 11 0.41 -2.85 -5.40
C GLU A 11 0.02 -1.62 -6.22
N GLN A 12 -1.28 -1.44 -6.41
CA GLN A 12 -1.79 -0.30 -7.13
C GLN A 12 -1.46 0.99 -6.42
N CYS A 13 -1.55 0.98 -5.08
CA CYS A 13 -1.30 2.18 -4.28
C CYS A 13 0.20 2.55 -4.28
N GLN A 14 1.08 1.54 -4.33
CA GLN A 14 2.53 1.80 -4.37
C GLN A 14 2.89 2.57 -5.63
N GLN A 15 2.27 2.18 -6.75
CA GLN A 15 2.47 2.88 -8.02
C GLN A 15 1.98 4.32 -7.88
N GLN A 16 0.83 4.49 -7.20
CA GLN A 16 0.23 5.81 -6.98
C GLN A 16 1.13 6.70 -6.13
N CYS A 17 1.75 6.13 -5.07
CA CYS A 17 2.60 6.94 -4.18
C CYS A 17 3.78 7.54 -4.94
N GLU A 18 4.47 6.70 -5.73
CA GLU A 18 5.63 7.16 -6.51
C GLU A 18 5.19 8.08 -7.66
N ARG A 19 4.12 7.68 -8.36
CA ARG A 19 3.61 8.44 -9.51
C ARG A 19 3.14 9.84 -9.09
N GLN A 20 2.38 9.90 -7.99
CA GLN A 20 1.84 11.17 -7.51
C GLN A 20 2.96 12.14 -7.12
N ARG A 21 3.97 11.62 -6.39
CA ARG A 21 5.15 12.42 -5.94
C ARG A 21 4.86 13.93 -5.83
N ARG A 22 3.71 14.29 -5.19
CA ARG A 22 3.31 15.70 -5.07
C ARG A 22 2.98 16.12 -3.63
N GLY A 23 3.95 16.78 -3.00
CA GLY A 23 3.75 17.39 -1.67
C GLY A 23 3.17 16.44 -0.62
N GLN A 24 2.10 16.92 0.02
CA GLN A 24 1.43 16.21 1.12
C GLN A 24 0.90 14.84 0.69
N GLU A 25 0.42 14.74 -0.54
CA GLU A 25 -0.12 13.47 -1.04
C GLU A 25 0.92 12.34 -0.94
N GLN A 26 2.20 12.70 -0.92
CA GLN A 26 3.29 11.73 -0.80
C GLN A 26 3.20 10.95 0.52
N THR A 27 2.90 11.66 1.61
CA THR A 27 2.82 11.03 2.94
C THR A 27 1.50 10.29 3.17
N LEU A 28 0.37 10.87 2.71
CA LEU A 28 -0.94 10.22 2.86
C LEU A 28 -0.97 8.90 2.11
N CYS A 29 -0.47 8.91 0.88
CA CYS A 29 -0.42 7.70 0.05
C CYS A 29 0.46 6.65 0.70
N ARG A 30 1.65 7.07 1.13
CA ARG A 30 2.61 6.18 1.76
C ARG A 30 2.04 5.59 3.05
N ARG A 31 1.34 6.43 3.82
CA ARG A 31 0.79 6.02 5.10
C ARG A 31 -0.18 4.84 4.92
N ARG A 32 -1.10 4.96 3.95
CA ARG A 32 -2.07 3.90 3.67
C ARG A 32 -1.40 2.65 3.11
N CYS A 33 -0.44 2.84 2.19
CA CYS A 33 0.26 1.72 1.53
C CYS A 33 1.02 0.86 2.55
N GLU A 34 1.72 1.52 3.48
CA GLU A 34 2.47 0.82 4.52
C GLU A 34 1.54 0.20 5.57
N GLN A 35 0.39 0.85 5.83
CA GLN A 35 -0.56 0.35 6.81
C GLN A 35 -1.06 -1.04 6.42
N ARG A 36 -1.35 -1.22 5.13
CA ARG A 36 -1.80 -2.49 4.60
C ARG A 36 -0.66 -3.51 4.61
N ARG A 37 0.56 -3.04 4.30
CA ARG A 37 1.74 -3.94 4.26
C ARG A 37 1.97 -4.57 5.63
N GLN A 38 1.96 -3.73 6.67
CA GLN A 38 2.11 -4.22 8.05
C GLN A 38 0.91 -5.08 8.45
N GLN A 39 -0.27 -4.64 8.01
CA GLN A 39 -1.53 -5.32 8.32
C GLN A 39 -1.55 -6.76 7.76
N GLU A 40 -1.06 -6.92 6.52
CA GLU A 40 -1.07 -8.24 5.87
C GLU A 40 -0.03 -9.19 6.47
N GLU A 41 1.13 -8.64 6.87
CA GLU A 41 2.20 -9.45 7.46
C GLU A 41 1.79 -10.09 8.79
N ARG A 42 1.07 -9.31 9.62
CA ARG A 42 0.63 -9.79 10.94
C ARG A 42 -0.47 -10.84 10.82
N GLU A 43 -1.22 -10.83 9.70
CA GLU A 43 -2.25 -11.85 9.49
C GLU A 43 -1.59 -13.21 9.52
N ARG A 44 -1.82 -13.93 10.63
CA ARG A 44 -1.14 -15.20 10.86
C ARG A 44 -1.34 -16.15 9.69
N GLN A 45 -0.23 -16.62 9.13
CA GLN A 45 -0.25 -17.56 8.02
C GLN A 45 -0.27 -19.01 8.51
N GLY A 1 -17.00 -13.46 -4.47
CA GLY A 1 -16.03 -13.46 -3.34
C GLY A 1 -14.60 -13.66 -3.88
N MET A 2 -13.80 -14.42 -3.13
CA MET A 2 -12.42 -14.70 -3.52
C MET A 2 -11.66 -13.38 -3.91
N PRO A 3 -11.49 -12.43 -2.96
CA PRO A 3 -10.77 -11.13 -3.24
C PRO A 3 -9.34 -11.35 -3.72
N ARG A 4 -8.84 -10.40 -4.52
CA ARG A 4 -7.47 -10.49 -5.06
C ARG A 4 -6.46 -10.51 -3.93
N ASP A 5 -5.27 -11.06 -4.22
CA ASP A 5 -4.21 -11.18 -3.23
C ASP A 5 -3.76 -9.80 -2.69
N PRO A 6 -3.32 -9.72 -1.41
CA PRO A 6 -2.89 -8.41 -0.79
C PRO A 6 -1.64 -7.82 -1.46
N GLU A 7 -0.85 -8.68 -2.12
CA GLU A 7 0.38 -8.23 -2.78
C GLU A 7 0.06 -7.22 -3.88
N GLN A 8 -1.01 -7.49 -4.64
CA GLN A 8 -1.44 -6.60 -5.72
C GLN A 8 -1.87 -5.24 -5.16
N ARG A 9 -2.56 -5.27 -4.01
CA ARG A 9 -3.03 -4.03 -3.36
C ARG A 9 -1.86 -3.12 -3.02
N TYR A 10 -0.77 -3.72 -2.54
CA TYR A 10 0.44 -2.97 -2.21
C TYR A 10 0.98 -2.27 -3.46
N GLU A 11 1.08 -3.02 -4.56
CA GLU A 11 1.63 -2.50 -5.81
C GLU A 11 0.79 -1.35 -6.34
N GLN A 12 -0.55 -1.53 -6.34
CA GLN A 12 -1.45 -0.46 -6.77
C GLN A 12 -1.38 0.73 -5.84
N CYS A 13 -1.26 0.45 -4.53
CA CYS A 13 -1.21 1.50 -3.53
C CYS A 13 0.04 2.35 -3.72
N GLN A 14 1.18 1.69 -3.98
CA GLN A 14 2.44 2.37 -4.24
C GLN A 14 2.34 3.22 -5.51
N GLN A 15 1.67 2.65 -6.53
CA GLN A 15 1.42 3.34 -7.78
C GLN A 15 0.55 4.59 -7.55
N GLN A 16 -0.42 4.45 -6.63
CA GLN A 16 -1.32 5.54 -6.31
C GLN A 16 -0.53 6.75 -5.82
N CYS A 17 0.48 6.50 -4.96
CA CYS A 17 1.34 7.59 -4.48
C CYS A 17 2.09 8.24 -5.63
N GLU A 18 2.58 7.41 -6.57
CA GLU A 18 3.30 7.91 -7.75
C GLU A 18 2.37 8.79 -8.59
N ARG A 19 1.13 8.34 -8.74
CA ARG A 19 0.11 9.08 -9.51
C ARG A 19 -0.16 10.43 -8.83
N GLN A 20 -0.23 10.41 -7.49
CA GLN A 20 -0.51 11.62 -6.70
C GLN A 20 0.78 12.43 -6.39
N ARG A 21 1.94 11.97 -6.90
CA ARG A 21 3.24 12.63 -6.66
C ARG A 21 3.12 14.18 -6.75
N ARG A 22 2.93 14.82 -5.60
CA ARG A 22 2.83 16.28 -5.52
C ARG A 22 3.53 16.85 -4.26
N GLY A 23 4.08 15.95 -3.40
CA GLY A 23 4.73 16.36 -2.16
C GLY A 23 3.73 16.32 -1.01
N GLN A 24 4.23 16.03 0.20
CA GLN A 24 3.39 15.93 1.41
C GLN A 24 2.43 14.74 1.35
N GLU A 25 1.46 14.80 0.43
CA GLU A 25 0.47 13.73 0.26
C GLU A 25 1.15 12.42 -0.13
N GLN A 26 2.17 12.51 -0.99
CA GLN A 26 2.89 11.33 -1.46
C GLN A 26 3.52 10.58 -0.27
N THR A 27 4.13 11.34 0.64
CA THR A 27 4.76 10.77 1.82
C THR A 27 3.70 10.12 2.73
N LEU A 28 2.57 10.83 2.91
CA LEU A 28 1.50 10.36 3.77
C LEU A 28 0.91 9.04 3.25
N CYS A 29 0.62 9.00 1.94
CA CYS A 29 0.04 7.79 1.33
C CYS A 29 1.05 6.64 1.28
N ARG A 30 2.36 6.98 1.21
CA ARG A 30 3.41 5.96 1.17
C ARG A 30 3.37 5.14 2.45
N ARG A 31 3.26 5.84 3.58
CA ARG A 31 3.17 5.19 4.89
C ARG A 31 1.89 4.36 4.99
N ARG A 32 0.80 4.91 4.45
CA ARG A 32 -0.49 4.24 4.47
C ARG A 32 -0.43 2.92 3.68
N CYS A 33 0.20 2.97 2.50
CA CYS A 33 0.30 1.81 1.61
C CYS A 33 1.07 0.64 2.26
N GLU A 34 2.21 0.96 2.87
CA GLU A 34 3.04 -0.07 3.50
C GLU A 34 2.47 -0.52 4.85
N GLN A 35 1.95 0.43 5.63
CA GLN A 35 1.35 0.12 6.93
C GLN A 35 0.13 -0.77 6.76
N ARG A 36 -0.70 -0.45 5.75
CA ARG A 36 -1.90 -1.21 5.46
C ARG A 36 -1.55 -2.65 5.15
N ARG A 37 -0.50 -2.86 4.34
CA ARG A 37 -0.06 -4.20 3.98
C ARG A 37 0.30 -4.99 5.25
N GLN A 38 1.04 -4.34 6.14
CA GLN A 38 1.44 -4.94 7.41
C GLN A 38 0.20 -5.24 8.27
N GLN A 39 -0.76 -4.30 8.28
CA GLN A 39 -1.99 -4.44 9.07
C GLN A 39 -2.82 -5.64 8.62
N GLU A 40 -2.92 -5.82 7.29
CA GLU A 40 -3.70 -6.93 6.74
C GLU A 40 -2.94 -8.26 6.82
N GLU A 41 -1.62 -8.21 6.60
CA GLU A 41 -0.78 -9.40 6.63
C GLU A 41 -0.76 -10.02 8.05
N ARG A 42 -0.63 -9.16 9.07
CA ARG A 42 -0.59 -9.61 10.46
C ARG A 42 -1.97 -10.04 10.95
N GLU A 43 -3.03 -9.45 10.36
CA GLU A 43 -4.39 -9.81 10.70
C GLU A 43 -4.60 -11.28 10.39
N ARG A 44 -4.10 -11.70 9.21
CA ARG A 44 -4.17 -13.09 8.80
C ARG A 44 -2.93 -13.85 9.27
N GLN A 45 -3.15 -14.88 10.09
CA GLN A 45 -2.04 -15.70 10.62
C GLN A 45 -1.15 -16.20 9.49
N GLY A 1 10.48 -8.95 -2.31
CA GLY A 1 9.04 -8.98 -1.90
C GLY A 1 8.50 -10.41 -2.00
N MET A 2 7.43 -10.67 -1.25
CA MET A 2 6.81 -12.00 -1.24
C MET A 2 6.33 -12.43 -2.64
N PRO A 3 5.59 -11.58 -3.40
CA PRO A 3 5.11 -11.95 -4.78
C PRO A 3 6.24 -12.00 -5.79
N ARG A 4 6.05 -12.78 -6.87
CA ARG A 4 7.08 -12.94 -7.89
C ARG A 4 7.54 -11.59 -8.44
N ASP A 5 6.59 -10.82 -9.01
CA ASP A 5 6.92 -9.51 -9.56
C ASP A 5 6.88 -8.42 -8.45
N PRO A 6 8.03 -7.78 -8.10
CA PRO A 6 8.05 -6.67 -7.08
C PRO A 6 7.18 -5.49 -7.52
N GLU A 7 7.15 -5.25 -8.85
CA GLU A 7 6.43 -4.13 -9.44
C GLU A 7 4.92 -4.22 -9.16
N GLN A 8 4.37 -5.44 -9.24
CA GLN A 8 2.93 -5.65 -9.03
C GLN A 8 2.52 -5.26 -7.61
N ARG A 9 3.35 -5.60 -6.62
CA ARG A 9 3.06 -5.29 -5.22
C ARG A 9 3.01 -3.77 -5.02
N TYR A 10 4.02 -3.08 -5.56
CA TYR A 10 4.09 -1.61 -5.48
C TYR A 10 2.96 -0.95 -6.27
N GLU A 11 2.59 -1.56 -7.40
CA GLU A 11 1.50 -1.03 -8.23
C GLU A 11 0.23 -0.97 -7.39
N GLN A 12 0.00 -2.03 -6.60
CA GLN A 12 -1.13 -2.08 -5.68
C GLN A 12 -1.01 -0.96 -4.63
N CYS A 13 0.23 -0.73 -4.16
CA CYS A 13 0.50 0.33 -3.19
C CYS A 13 0.15 1.70 -3.75
N GLN A 14 0.48 1.90 -5.02
CA GLN A 14 0.20 3.16 -5.70
C GLN A 14 -1.30 3.40 -5.79
N GLN A 15 -2.07 2.33 -6.05
CA GLN A 15 -3.52 2.43 -6.19
C GLN A 15 -4.19 2.92 -4.89
N GLN A 16 -3.75 2.36 -3.74
CA GLN A 16 -4.31 2.74 -2.45
C GLN A 16 -3.81 4.13 -2.00
N CYS A 17 -2.50 4.35 -2.11
CA CYS A 17 -1.91 5.64 -1.76
C CYS A 17 -2.50 6.77 -2.62
N GLU A 18 -2.57 6.54 -3.93
CA GLU A 18 -3.08 7.55 -4.87
C GLU A 18 -4.51 7.92 -4.51
N ARG A 19 -5.31 6.93 -4.11
CA ARG A 19 -6.69 7.16 -3.71
C ARG A 19 -6.72 8.15 -2.53
N GLN A 20 -5.77 7.99 -1.59
CA GLN A 20 -5.67 8.88 -0.44
C GLN A 20 -5.41 10.32 -0.90
N ARG A 21 -4.55 10.47 -1.92
CA ARG A 21 -4.21 11.78 -2.49
C ARG A 21 -3.55 12.69 -1.45
N ARG A 22 -2.21 12.75 -1.49
CA ARG A 22 -1.42 13.57 -0.56
C ARG A 22 -0.21 14.21 -1.27
N GLY A 23 0.61 14.93 -0.50
CA GLY A 23 1.80 15.62 -1.04
C GLY A 23 2.86 14.64 -1.50
N GLN A 24 4.03 14.65 -0.82
CA GLN A 24 5.16 13.77 -1.19
C GLN A 24 4.70 12.32 -1.33
N GLU A 25 4.39 11.92 -2.57
CA GLU A 25 3.87 10.59 -2.86
C GLU A 25 4.89 9.47 -2.58
N GLN A 26 6.16 9.68 -2.95
CA GLN A 26 7.16 8.60 -2.83
C GLN A 26 7.35 8.13 -1.38
N THR A 27 7.57 9.08 -0.46
CA THR A 27 7.78 8.75 0.95
C THR A 27 6.49 8.25 1.61
N LEU A 28 5.40 8.99 1.39
CA LEU A 28 4.12 8.66 2.03
C LEU A 28 3.54 7.34 1.51
N CYS A 29 3.60 7.13 0.18
CA CYS A 29 3.01 5.93 -0.43
C CYS A 29 3.70 4.66 0.05
N ARG A 30 5.04 4.69 0.10
CA ARG A 30 5.80 3.50 0.52
C ARG A 30 5.48 3.14 1.98
N ARG A 31 5.55 4.14 2.86
CA ARG A 31 5.27 3.94 4.28
C ARG A 31 3.79 3.58 4.52
N ARG A 32 2.90 4.33 3.87
CA ARG A 32 1.46 4.16 4.05
C ARG A 32 1.00 2.77 3.60
N CYS A 33 1.47 2.34 2.42
CA CYS A 33 1.08 1.03 1.89
C CYS A 33 1.47 -0.09 2.84
N GLU A 34 2.70 -0.03 3.37
CA GLU A 34 3.18 -1.06 4.31
C GLU A 34 2.28 -1.11 5.55
N GLN A 35 1.89 0.09 6.03
CA GLN A 35 1.02 0.19 7.20
C GLN A 35 -0.33 -0.45 6.93
N ARG A 36 -0.86 -0.22 5.72
CA ARG A 36 -2.16 -0.76 5.31
C ARG A 36 -2.16 -2.28 5.33
N ARG A 37 -1.07 -2.91 4.86
CA ARG A 37 -1.01 -4.38 4.80
C ARG A 37 -1.14 -4.97 6.21
N GLN A 38 -0.33 -4.47 7.15
CA GLN A 38 -0.38 -4.94 8.54
C GLN A 38 -1.70 -4.51 9.19
N GLN A 39 -2.12 -3.28 8.90
CA GLN A 39 -3.33 -2.68 9.45
C GLN A 39 -4.58 -3.48 9.07
N GLU A 40 -4.71 -3.84 7.80
CA GLU A 40 -5.86 -4.62 7.32
C GLU A 40 -5.90 -5.98 7.99
N GLU A 41 -4.73 -6.59 8.16
CA GLU A 41 -4.62 -7.91 8.78
C GLU A 41 -5.09 -7.91 10.23
N ARG A 42 -4.78 -6.83 10.97
CA ARG A 42 -5.14 -6.75 12.40
C ARG A 42 -6.52 -6.14 12.63
N GLU A 43 -6.95 -5.25 11.72
CA GLU A 43 -8.29 -4.64 11.85
C GLU A 43 -9.36 -5.69 11.71
N ARG A 44 -9.17 -6.61 10.74
CA ARG A 44 -10.10 -7.70 10.56
C ARG A 44 -9.64 -8.89 11.38
N GLN A 45 -10.44 -9.24 12.39
CA GLN A 45 -10.10 -10.34 13.30
C GLN A 45 -10.18 -11.68 12.57
N GLY A 1 -4.73 -14.16 4.05
CA GLY A 1 -3.92 -13.36 3.09
C GLY A 1 -4.43 -13.60 1.67
N MET A 2 -3.69 -13.10 0.67
CA MET A 2 -4.05 -13.26 -0.73
C MET A 2 -2.86 -13.79 -1.56
N PRO A 3 -3.12 -14.52 -2.68
CA PRO A 3 -2.02 -15.08 -3.54
C PRO A 3 -1.25 -14.00 -4.32
N ARG A 4 -1.81 -12.78 -4.34
CA ARG A 4 -1.18 -11.67 -5.07
C ARG A 4 0.22 -11.38 -4.54
N ASP A 5 1.17 -11.13 -5.46
CA ASP A 5 2.56 -10.85 -5.10
C ASP A 5 2.68 -9.45 -4.46
N PRO A 6 3.61 -9.24 -3.51
CA PRO A 6 3.77 -7.91 -2.84
C PRO A 6 4.26 -6.82 -3.80
N GLU A 7 5.12 -7.22 -4.75
CA GLU A 7 5.66 -6.27 -5.73
C GLU A 7 4.55 -5.73 -6.64
N GLN A 8 3.71 -6.65 -7.15
CA GLN A 8 2.60 -6.28 -8.02
C GLN A 8 1.54 -5.48 -7.25
N ARG A 9 1.28 -5.91 -6.02
CA ARG A 9 0.31 -5.24 -5.16
C ARG A 9 0.79 -3.82 -4.83
N TYR A 10 2.09 -3.69 -4.53
CA TYR A 10 2.70 -2.41 -4.17
C TYR A 10 2.57 -1.37 -5.30
N GLU A 11 2.91 -1.77 -6.54
CA GLU A 11 2.86 -0.83 -7.67
C GLU A 11 1.44 -0.36 -7.93
N GLN A 12 0.48 -1.30 -7.81
CA GLN A 12 -0.94 -0.96 -7.94
C GLN A 12 -1.34 -0.02 -6.81
N CYS A 13 -0.82 -0.33 -5.61
CA CYS A 13 -1.06 0.48 -4.43
C CYS A 13 -0.51 1.90 -4.63
N GLN A 14 0.66 1.99 -5.30
CA GLN A 14 1.30 3.26 -5.56
C GLN A 14 0.35 4.17 -6.35
N GLN A 15 -0.38 3.57 -7.30
CA GLN A 15 -1.34 4.32 -8.10
C GLN A 15 -2.44 4.90 -7.20
N GLN A 16 -2.88 4.08 -6.21
CA GLN A 16 -3.95 4.51 -5.29
C GLN A 16 -3.52 5.70 -4.41
N CYS A 17 -2.38 5.56 -3.68
CA CYS A 17 -1.91 6.63 -2.79
C CYS A 17 -1.61 7.92 -3.56
N GLU A 18 -1.06 7.77 -4.77
CA GLU A 18 -0.68 8.92 -5.59
C GLU A 18 -1.88 9.78 -5.96
N ARG A 19 -2.96 9.13 -6.37
CA ARG A 19 -4.18 9.84 -6.79
C ARG A 19 -4.80 10.60 -5.62
N GLN A 20 -4.82 9.96 -4.44
CA GLN A 20 -5.45 10.55 -3.25
C GLN A 20 -4.76 11.83 -2.78
N ARG A 21 -3.42 11.85 -2.83
CA ARG A 21 -2.65 13.02 -2.34
C ARG A 21 -1.50 13.38 -3.28
N ARG A 22 -1.03 14.62 -3.18
CA ARG A 22 0.09 15.12 -4.00
C ARG A 22 1.15 15.76 -3.11
N GLY A 23 2.42 15.68 -3.56
CA GLY A 23 3.55 16.22 -2.81
C GLY A 23 4.64 15.16 -2.65
N GLN A 24 5.12 14.98 -1.42
CA GLN A 24 6.13 13.95 -1.13
C GLN A 24 5.46 12.57 -1.13
N GLU A 25 5.03 12.15 -2.32
CA GLU A 25 4.27 10.92 -2.50
C GLU A 25 5.06 9.66 -2.15
N GLN A 26 6.35 9.64 -2.49
CA GLN A 26 7.17 8.44 -2.28
C GLN A 26 7.23 8.03 -0.80
N THR A 27 7.43 9.00 0.09
CA THR A 27 7.51 8.72 1.53
C THR A 27 6.13 8.46 2.15
N LEU A 28 5.18 9.36 1.86
CA LEU A 28 3.82 9.24 2.41
C LEU A 28 3.14 7.95 1.92
N CYS A 29 3.27 7.67 0.63
CA CYS A 29 2.65 6.48 0.01
C CYS A 29 3.18 5.20 0.63
N ARG A 30 4.50 5.09 0.73
CA ARG A 30 5.11 3.86 1.22
C ARG A 30 4.63 3.56 2.64
N ARG A 31 4.68 4.57 3.51
CA ARG A 31 4.24 4.40 4.90
C ARG A 31 2.74 4.13 5.01
N ARG A 32 1.93 4.90 4.26
CA ARG A 32 0.46 4.76 4.30
C ARG A 32 0.01 3.39 3.75
N CYS A 33 0.53 3.04 2.59
CA CYS A 33 0.20 1.78 1.93
C CYS A 33 0.71 0.57 2.74
N GLU A 34 1.97 0.66 3.18
CA GLU A 34 2.59 -0.45 3.94
C GLU A 34 1.87 -0.72 5.26
N GLN A 35 1.46 0.35 5.98
CA GLN A 35 0.77 0.16 7.26
C GLN A 35 -0.63 -0.44 7.06
N ARG A 36 -1.27 -0.14 5.92
CA ARG A 36 -2.58 -0.68 5.60
C ARG A 36 -2.51 -2.20 5.53
N ARG A 37 -1.50 -2.71 4.81
CA ARG A 37 -1.31 -4.15 4.68
C ARG A 37 -1.08 -4.79 6.05
N GLN A 38 -0.24 -4.14 6.87
CA GLN A 38 0.09 -4.65 8.20
C GLN A 38 -1.15 -4.74 9.09
N GLN A 39 -1.99 -3.69 9.08
CA GLN A 39 -3.20 -3.67 9.93
C GLN A 39 -4.28 -4.62 9.42
N GLU A 40 -4.36 -4.76 8.09
CA GLU A 40 -5.34 -5.65 7.47
C GLU A 40 -5.07 -7.10 7.86
N GLU A 41 -3.78 -7.46 7.86
CA GLU A 41 -3.35 -8.82 8.24
C GLU A 41 -3.65 -9.08 9.72
N ARG A 42 -3.43 -8.07 10.56
CA ARG A 42 -3.67 -8.18 12.00
C ARG A 42 -5.15 -8.39 12.31
N GLU A 43 -6.02 -7.87 11.43
CA GLU A 43 -7.46 -8.09 11.57
C GLU A 43 -7.71 -9.60 11.50
N ARG A 44 -6.95 -10.28 10.61
CA ARG A 44 -6.99 -11.72 10.51
C ARG A 44 -6.09 -12.32 11.60
N GLN A 45 -6.64 -13.26 12.37
CA GLN A 45 -5.89 -13.90 13.47
C GLN A 45 -5.46 -12.88 14.51
N GLY A 1 9.02 -18.35 -1.04
CA GLY A 1 7.72 -18.37 -1.77
C GLY A 1 7.88 -17.69 -3.12
N MET A 2 6.99 -18.03 -4.06
CA MET A 2 7.03 -17.45 -5.41
C MET A 2 5.62 -16.97 -5.85
N PRO A 3 4.96 -16.06 -5.08
CA PRO A 3 3.62 -15.52 -5.44
C PRO A 3 3.68 -14.53 -6.61
N ARG A 4 4.45 -13.44 -6.41
CA ARG A 4 4.62 -12.41 -7.44
C ARG A 4 5.79 -11.50 -7.11
N ASP A 5 6.25 -10.73 -8.11
CA ASP A 5 7.36 -9.80 -7.92
C ASP A 5 6.93 -8.57 -7.06
N PRO A 6 7.89 -7.89 -6.39
CA PRO A 6 7.56 -6.69 -5.54
C PRO A 6 6.87 -5.56 -6.30
N GLU A 7 7.22 -5.43 -7.59
CA GLU A 7 6.71 -4.34 -8.42
C GLU A 7 5.18 -4.39 -8.59
N GLN A 8 4.63 -5.60 -8.76
CA GLN A 8 3.18 -5.75 -9.01
C GLN A 8 2.36 -5.22 -7.82
N ARG A 9 2.77 -5.58 -6.60
CA ARG A 9 2.07 -5.11 -5.40
C ARG A 9 2.29 -3.61 -5.18
N TYR A 10 3.48 -3.13 -5.57
CA TYR A 10 3.81 -1.70 -5.46
C TYR A 10 2.94 -0.86 -6.39
N GLU A 11 2.67 -1.39 -7.59
CA GLU A 11 1.80 -0.69 -8.55
C GLU A 11 0.41 -0.52 -7.95
N GLN A 12 -0.06 -1.57 -7.27
CA GLN A 12 -1.33 -1.51 -6.55
C GLN A 12 -1.24 -0.50 -5.40
N CYS A 13 -0.08 -0.50 -4.71
CA CYS A 13 0.16 0.40 -3.59
C CYS A 13 0.09 1.86 -3.98
N GLN A 14 0.71 2.20 -5.11
CA GLN A 14 0.74 3.59 -5.57
C GLN A 14 -0.64 4.07 -6.00
N GLN A 15 -1.48 3.15 -6.52
CA GLN A 15 -2.85 3.51 -6.93
C GLN A 15 -3.68 3.95 -5.72
N GLN A 16 -3.60 3.19 -4.61
CA GLN A 16 -4.36 3.53 -3.39
C GLN A 16 -3.88 4.87 -2.81
N CYS A 17 -2.56 4.99 -2.67
CA CYS A 17 -1.95 6.20 -2.14
C CYS A 17 -2.26 7.41 -3.01
N GLU A 18 -2.16 7.24 -4.33
CA GLU A 18 -2.38 8.33 -5.28
C GLU A 18 -3.78 8.91 -5.09
N ARG A 19 -4.76 8.04 -4.83
CA ARG A 19 -6.13 8.48 -4.61
C ARG A 19 -6.19 9.40 -3.39
N GLN A 20 -5.45 9.02 -2.32
CA GLN A 20 -5.41 9.82 -1.09
C GLN A 20 -4.78 11.21 -1.37
N ARG A 21 -3.65 11.21 -2.10
CA ARG A 21 -2.94 12.46 -2.46
C ARG A 21 -1.68 12.15 -3.28
N ARG A 22 -1.08 13.21 -3.85
CA ARG A 22 0.14 13.04 -4.68
C ARG A 22 1.39 13.67 -4.03
N GLY A 23 1.23 14.34 -2.87
CA GLY A 23 2.36 14.98 -2.18
C GLY A 23 3.24 13.95 -1.48
N GLN A 24 4.58 14.14 -1.59
CA GLN A 24 5.55 13.20 -0.94
C GLN A 24 5.17 11.75 -1.27
N GLU A 25 4.94 11.50 -2.56
CA GLU A 25 4.44 10.21 -3.03
C GLU A 25 5.37 9.04 -2.67
N GLN A 26 6.68 9.18 -2.90
CA GLN A 26 7.60 8.05 -2.67
C GLN A 26 7.62 7.55 -1.21
N THR A 27 7.80 8.49 -0.26
CA THR A 27 7.87 8.13 1.16
C THR A 27 6.51 7.81 1.77
N LEU A 28 5.54 8.69 1.50
CA LEU A 28 4.21 8.54 2.08
C LEU A 28 3.50 7.28 1.57
N CYS A 29 3.59 7.04 0.25
CA CYS A 29 2.89 5.91 -0.36
C CYS A 29 3.49 4.58 0.03
N ARG A 30 4.84 4.51 0.08
CA ARG A 30 5.49 3.25 0.44
C ARG A 30 5.05 2.83 1.85
N ARG A 31 5.12 3.77 2.79
CA ARG A 31 4.72 3.53 4.17
C ARG A 31 3.21 3.32 4.30
N ARG A 32 2.42 4.11 3.55
CA ARG A 32 0.96 4.05 3.64
C ARG A 32 0.42 2.67 3.20
N CYS A 33 0.87 2.17 2.05
CA CYS A 33 0.41 0.88 1.55
C CYS A 33 0.77 -0.24 2.52
N GLU A 34 2.04 -0.27 2.95
CA GLU A 34 2.50 -1.31 3.89
C GLU A 34 1.81 -1.20 5.25
N GLN A 35 1.64 0.03 5.72
CA GLN A 35 1.03 0.30 7.03
C GLN A 35 -0.46 -0.10 7.05
N ARG A 36 -1.18 0.21 5.96
CA ARG A 36 -2.60 -0.07 5.86
C ARG A 36 -2.88 -1.56 5.72
N ARG A 37 -2.06 -2.26 4.92
CA ARG A 37 -2.26 -3.70 4.71
C ARG A 37 -2.01 -4.49 6.01
N GLN A 38 -1.03 -4.03 6.81
CA GLN A 38 -0.73 -4.68 8.09
C GLN A 38 -1.87 -4.52 9.10
N GLN A 39 -2.45 -3.31 9.15
CA GLN A 39 -3.54 -3.03 10.09
C GLN A 39 -4.76 -3.88 9.79
N GLU A 40 -5.07 -4.03 8.50
CA GLU A 40 -6.21 -4.86 8.08
C GLU A 40 -5.92 -6.36 8.27
N GLU A 41 -4.62 -6.74 8.29
CA GLU A 41 -4.22 -8.13 8.49
C GLU A 41 -4.07 -8.50 9.98
N ARG A 42 -4.09 -7.49 10.86
CA ARG A 42 -3.98 -7.73 12.32
C ARG A 42 -5.35 -7.63 12.99
N GLU A 43 -6.25 -6.82 12.41
CA GLU A 43 -7.62 -6.72 12.92
C GLU A 43 -8.27 -8.09 12.76
N ARG A 44 -9.15 -8.45 13.68
CA ARG A 44 -9.76 -9.77 13.64
C ARG A 44 -10.49 -9.98 12.31
N GLN A 45 -10.03 -10.97 11.55
CA GLN A 45 -10.63 -11.30 10.25
C GLN A 45 -10.73 -12.82 10.08
N GLY A 1 -4.78 -10.95 -13.26
CA GLY A 1 -6.09 -10.89 -13.97
C GLY A 1 -7.20 -10.66 -12.95
N MET A 2 -8.34 -11.35 -13.16
CA MET A 2 -9.49 -11.22 -12.26
C MET A 2 -9.20 -11.62 -10.78
N PRO A 3 -8.25 -12.56 -10.46
CA PRO A 3 -7.98 -12.95 -9.03
C PRO A 3 -7.57 -11.75 -8.19
N ARG A 4 -8.00 -11.74 -6.91
CA ARG A 4 -7.68 -10.64 -5.99
C ARG A 4 -6.40 -10.93 -5.21
N ASP A 5 -5.26 -10.60 -5.82
CA ASP A 5 -3.96 -10.80 -5.19
C ASP A 5 -3.64 -9.62 -4.23
N PRO A 6 -3.35 -9.86 -2.92
CA PRO A 6 -3.05 -8.74 -1.97
C PRO A 6 -1.76 -8.01 -2.34
N GLU A 7 -0.81 -8.74 -2.94
CA GLU A 7 0.45 -8.15 -3.37
C GLU A 7 0.23 -7.11 -4.46
N GLN A 8 -0.68 -7.42 -5.39
CA GLN A 8 -1.02 -6.53 -6.49
C GLN A 8 -1.68 -5.25 -5.99
N ARG A 9 -2.55 -5.39 -4.97
CA ARG A 9 -3.28 -4.26 -4.40
C ARG A 9 -2.30 -3.22 -3.84
N TYR A 10 -1.30 -3.70 -3.07
CA TYR A 10 -0.29 -2.81 -2.49
C TYR A 10 0.49 -2.08 -3.60
N GLU A 11 0.89 -2.84 -4.60
CA GLU A 11 1.64 -2.28 -5.72
C GLU A 11 0.79 -1.22 -6.41
N GLN A 12 -0.50 -1.52 -6.58
CA GLN A 12 -1.44 -0.61 -7.19
C GLN A 12 -1.59 0.66 -6.34
N CYS A 13 -1.65 0.50 -5.01
CA CYS A 13 -1.83 1.65 -4.12
C CYS A 13 -0.60 2.55 -4.11
N GLN A 14 0.58 1.92 -4.11
CA GLN A 14 1.83 2.66 -4.13
C GLN A 14 1.96 3.45 -5.43
N GLN A 15 1.58 2.79 -6.54
CA GLN A 15 1.63 3.42 -7.87
C GLN A 15 0.68 4.61 -7.96
N GLN A 16 -0.53 4.46 -7.37
CA GLN A 16 -1.53 5.52 -7.42
C GLN A 16 -1.08 6.80 -6.72
N CYS A 17 -0.49 6.69 -5.51
CA CYS A 17 -0.05 7.89 -4.81
C CYS A 17 1.15 8.55 -5.48
N GLU A 18 2.14 7.72 -5.89
CA GLU A 18 3.37 8.25 -6.49
C GLU A 18 3.11 8.97 -7.82
N ARG A 19 2.20 8.43 -8.65
CA ARG A 19 1.86 9.06 -9.92
C ARG A 19 1.11 10.38 -9.71
N GLN A 20 0.31 10.43 -8.62
CA GLN A 20 -0.44 11.64 -8.28
C GLN A 20 0.53 12.80 -7.99
N ARG A 21 1.62 12.49 -7.25
CA ARG A 21 2.66 13.51 -6.92
C ARG A 21 2.03 14.85 -6.49
N ARG A 22 1.75 14.99 -5.18
CA ARG A 22 1.17 16.23 -4.65
C ARG A 22 1.75 16.59 -3.26
N GLY A 23 2.91 17.26 -3.28
CA GLY A 23 3.56 17.73 -2.05
C GLY A 23 3.98 16.58 -1.12
N GLN A 24 3.97 16.87 0.19
CA GLN A 24 4.37 15.88 1.21
C GLN A 24 3.40 14.68 1.29
N GLU A 25 2.31 14.73 0.54
CA GLU A 25 1.30 13.66 0.54
C GLU A 25 1.92 12.33 0.08
N GLN A 26 2.93 12.40 -0.79
CA GLN A 26 3.58 11.19 -1.33
C GLN A 26 4.18 10.32 -0.21
N THR A 27 4.86 10.96 0.75
CA THR A 27 5.47 10.22 1.87
C THR A 27 4.42 9.76 2.88
N LEU A 28 3.46 10.65 3.17
CA LEU A 28 2.39 10.34 4.11
C LEU A 28 1.51 9.18 3.63
N CYS A 29 1.15 9.21 2.33
CA CYS A 29 0.27 8.18 1.75
C CYS A 29 0.95 6.81 1.69
N ARG A 30 2.26 6.80 1.39
CA ARG A 30 2.99 5.53 1.32
C ARG A 30 2.97 4.84 2.67
N ARG A 31 3.13 5.63 3.74
CA ARG A 31 3.08 5.11 5.09
C ARG A 31 1.70 4.53 5.40
N ARG A 32 0.64 5.25 4.96
CA ARG A 32 -0.75 4.81 5.20
C ARG A 32 -1.06 3.47 4.52
N CYS A 33 -0.73 3.37 3.21
CA CYS A 33 -0.97 2.12 2.48
C CYS A 33 -0.05 1.00 2.99
N GLU A 34 1.20 1.37 3.30
CA GLU A 34 2.18 0.42 3.84
C GLU A 34 1.68 -0.17 5.17
N GLN A 35 1.06 0.70 5.99
CA GLN A 35 0.54 0.27 7.29
C GLN A 35 -0.54 -0.80 7.09
N ARG A 36 -1.39 -0.60 6.09
CA ARG A 36 -2.45 -1.55 5.78
C ARG A 36 -1.86 -2.90 5.38
N ARG A 37 -0.75 -2.88 4.62
CA ARG A 37 -0.11 -4.13 4.17
C ARG A 37 0.32 -4.97 5.37
N GLN A 38 1.01 -4.34 6.33
CA GLN A 38 1.46 -5.03 7.54
C GLN A 38 0.24 -5.46 8.38
N GLN A 39 -0.74 -4.55 8.45
CA GLN A 39 -1.96 -4.78 9.23
C GLN A 39 -2.72 -6.01 8.71
N GLU A 40 -2.86 -6.11 7.39
CA GLU A 40 -3.57 -7.22 6.76
C GLU A 40 -2.81 -8.55 6.93
N GLU A 41 -1.48 -8.49 6.81
CA GLU A 41 -0.63 -9.69 6.90
C GLU A 41 -0.31 -10.08 8.36
N ARG A 42 -0.71 -9.23 9.33
CA ARG A 42 -0.48 -9.50 10.75
C ARG A 42 -1.77 -9.96 11.45
N GLU A 43 -2.90 -10.02 10.69
CA GLU A 43 -4.16 -10.50 11.24
C GLU A 43 -3.97 -11.95 11.69
N ARG A 44 -3.19 -12.72 10.90
CA ARG A 44 -2.90 -14.08 11.24
C ARG A 44 -1.66 -14.16 12.13
N GLN A 45 -1.85 -14.66 13.36
CA GLN A 45 -0.77 -14.77 14.34
C GLN A 45 0.04 -13.47 14.45
N GLY A 1 -16.07 -13.96 -0.10
CA GLY A 1 -14.69 -13.58 -0.55
C GLY A 1 -14.78 -12.82 -1.87
N MET A 2 -14.15 -11.64 -1.92
CA MET A 2 -14.16 -10.81 -3.12
C MET A 2 -13.26 -11.42 -4.24
N PRO A 3 -13.52 -11.11 -5.53
CA PRO A 3 -12.70 -11.65 -6.67
C PRO A 3 -11.29 -11.06 -6.73
N ARG A 4 -11.12 -9.87 -6.13
CA ARG A 4 -9.83 -9.17 -6.15
C ARG A 4 -9.04 -9.46 -4.88
N ASP A 5 -7.83 -9.99 -5.04
CA ASP A 5 -6.98 -10.33 -3.90
C ASP A 5 -6.44 -9.06 -3.20
N PRO A 6 -6.27 -9.06 -1.84
CA PRO A 6 -5.74 -7.87 -1.10
C PRO A 6 -4.35 -7.43 -1.59
N GLU A 7 -3.51 -8.42 -1.95
CA GLU A 7 -2.14 -8.15 -2.38
C GLU A 7 -2.12 -7.27 -3.64
N GLN A 8 -3.01 -7.59 -4.59
CA GLN A 8 -3.09 -6.83 -5.85
C GLN A 8 -3.47 -5.37 -5.58
N ARG A 9 -4.41 -5.17 -4.65
CA ARG A 9 -4.87 -3.83 -4.30
C ARG A 9 -3.70 -2.97 -3.80
N TYR A 10 -2.85 -3.58 -2.97
CA TYR A 10 -1.66 -2.91 -2.46
C TYR A 10 -0.71 -2.51 -3.61
N GLU A 11 -0.62 -3.39 -4.64
CA GLU A 11 0.29 -3.13 -5.76
C GLU A 11 -0.06 -1.80 -6.42
N GLN A 12 -1.36 -1.58 -6.66
CA GLN A 12 -1.83 -0.29 -7.18
C GLN A 12 -1.60 0.83 -6.17
N CYS A 13 -1.78 0.52 -4.88
CA CYS A 13 -1.62 1.50 -3.81
C CYS A 13 -0.20 2.09 -3.83
N GLN A 14 0.79 1.20 -3.92
CA GLN A 14 2.20 1.62 -4.01
C GLN A 14 2.41 2.42 -5.29
N GLN A 15 1.75 1.98 -6.38
CA GLN A 15 1.84 2.65 -7.67
C GLN A 15 1.33 4.09 -7.57
N GLN A 16 0.23 4.28 -6.80
CA GLN A 16 -0.37 5.60 -6.65
C GLN A 16 0.59 6.59 -6.03
N CYS A 17 1.31 6.17 -4.96
CA CYS A 17 2.26 7.06 -4.30
C CYS A 17 3.39 7.50 -5.25
N GLU A 18 3.95 6.54 -6.02
CA GLU A 18 5.05 6.84 -6.94
C GLU A 18 4.59 7.63 -8.17
N ARG A 19 3.43 7.27 -8.71
CA ARG A 19 2.87 7.95 -9.88
C ARG A 19 2.54 9.40 -9.56
N GLN A 20 1.97 9.63 -8.37
CA GLN A 20 1.63 10.98 -7.91
C GLN A 20 2.75 11.64 -7.10
N ARG A 21 3.90 10.93 -6.94
CA ARG A 21 5.03 11.46 -6.19
C ARG A 21 5.46 12.83 -6.75
N ARG A 22 5.49 13.84 -5.87
CA ARG A 22 5.89 15.19 -6.26
C ARG A 22 5.85 16.13 -5.04
N GLY A 23 4.65 16.30 -4.47
CA GLY A 23 4.46 17.17 -3.31
C GLY A 23 4.46 16.36 -2.01
N GLN A 24 3.73 16.87 -1.00
CA GLN A 24 3.64 16.20 0.31
C GLN A 24 2.55 15.10 0.33
N GLU A 25 1.78 14.99 -0.76
CA GLU A 25 0.72 13.98 -0.88
C GLU A 25 1.31 12.58 -0.77
N GLN A 26 2.49 12.39 -1.38
CA GLN A 26 3.17 11.10 -1.36
C GLN A 26 3.41 10.65 0.08
N THR A 27 3.77 11.60 0.95
CA THR A 27 4.04 11.31 2.35
C THR A 27 2.77 10.78 3.02
N LEU A 28 1.64 11.44 2.76
CA LEU A 28 0.35 11.03 3.34
C LEU A 28 -0.07 9.63 2.89
N CYS A 29 0.06 9.34 1.58
CA CYS A 29 -0.35 8.04 1.04
C CYS A 29 0.58 6.93 1.49
N ARG A 30 1.88 7.25 1.62
CA ARG A 30 2.87 6.28 2.07
C ARG A 30 2.61 5.83 3.50
N ARG A 31 2.22 6.79 4.36
CA ARG A 31 1.96 6.48 5.76
C ARG A 31 0.76 5.54 5.91
N ARG A 32 -0.33 5.84 5.19
CA ARG A 32 -1.54 5.02 5.26
C ARG A 32 -1.35 3.67 4.55
N CYS A 33 -0.68 3.70 3.38
CA CYS A 33 -0.45 2.50 2.59
C CYS A 33 0.53 1.55 3.29
N GLU A 34 1.57 2.15 3.89
CA GLU A 34 2.60 1.37 4.62
C GLU A 34 1.96 0.64 5.82
N GLN A 35 1.10 1.34 6.56
CA GLN A 35 0.40 0.76 7.71
C GLN A 35 -0.50 -0.39 7.26
N ARG A 36 -1.12 -0.23 6.09
CA ARG A 36 -1.97 -1.25 5.51
C ARG A 36 -1.19 -2.53 5.31
N ARG A 37 0.08 -2.39 4.86
CA ARG A 37 0.96 -3.55 4.69
C ARG A 37 1.09 -4.29 6.03
N GLN A 38 1.29 -3.52 7.11
CA GLN A 38 1.42 -4.10 8.44
C GLN A 38 0.13 -4.82 8.84
N GLN A 39 -1.01 -4.20 8.49
CA GLN A 39 -2.32 -4.78 8.80
C GLN A 39 -2.52 -6.13 8.12
N GLU A 40 -2.06 -6.24 6.87
CA GLU A 40 -2.20 -7.49 6.11
C GLU A 40 -1.12 -8.52 6.46
N GLU A 41 0.07 -8.03 6.85
CA GLU A 41 1.20 -8.92 7.20
C GLU A 41 0.89 -9.77 8.45
N ARG A 42 0.20 -9.17 9.44
CA ARG A 42 -0.12 -9.90 10.67
C ARG A 42 -1.02 -11.11 10.39
N GLU A 43 -1.79 -11.02 9.29
CA GLU A 43 -2.60 -12.13 8.84
C GLU A 43 -1.69 -13.30 8.49
N ARG A 44 -0.53 -12.97 7.88
CA ARG A 44 0.47 -13.96 7.54
C ARG A 44 1.45 -14.15 8.70
N GLN A 45 1.48 -15.37 9.24
CA GLN A 45 2.37 -15.68 10.36
C GLN A 45 2.77 -17.16 10.34
#